data_5IVL
#
_entry.id   5IVL
#
_cell.length_a   58.489
_cell.length_b   96.314
_cell.length_c   83.773
_cell.angle_alpha   90.00
_cell.angle_beta   95.21
_cell.angle_gamma   90.00
#
_symmetry.space_group_name_H-M   'P 1 21 1'
#
loop_
_entity.id
_entity.type
_entity.pdbx_description
1 polymer 'DEAD-box ATP-dependent RNA helicase CshA'
2 non-polymer 'SULFATE ION'
3 water water
#
_entity_poly.entity_id   1
_entity_poly.type   'polypeptide(L)'
_entity_poly.pdbx_seq_one_letter_code
;MTTFQELGLSQEVMKAIERMGFEETTPIQAKTIPLSLQNKDVIGQAQTGTGKTAAFGIPIVEKVDVKNGAIQALVVAPTR
ELAIQVSEELYKIGAVKRVRVLPIYGGQDIERQIRALKKHPHVIVGTPGRIIDHINRGTLRLEHVHTVVLDEADEMLNMG
FIEDIEAILSHVPAERQTLLFSATMPDPIRRIAERFMNEPELVKVKAKEMTVPNIQQYYLEVHEKKKFDILTRLLDIQAP
ELAIVFGRTKRRVDELAEALNLRGYAAEGIHGDLSQAKRLSVLRKFKEGAIEILVATDVAARGLDISGVTHVYNFDIPQD
PESYVHRIGRTGRAGKTGVAMTFVTPREIGQLHHIERTTKRKMERMKPPTLDEALEGQQRIAIEKLLNVVETENLSFYKR
AAEELLEEHDSVTIVAACLKMLEHHHHHH
;
_entity_poly.pdbx_strand_id   B,A
#
# COMPACT_ATOMS: atom_id res chain seq x y z
N PHE A 4 -39.09 -6.89 12.83
CA PHE A 4 -39.86 -5.69 13.15
C PHE A 4 -39.77 -4.63 12.05
N GLN A 5 -38.70 -4.67 11.26
CA GLN A 5 -38.55 -3.76 10.12
C GLN A 5 -39.34 -4.27 8.93
N GLU A 6 -40.60 -4.62 9.18
CA GLU A 6 -41.48 -5.25 8.20
C GLU A 6 -42.46 -4.24 7.63
N LEU A 7 -42.17 -2.95 7.84
CA LEU A 7 -42.98 -1.85 7.34
C LEU A 7 -42.95 -1.85 5.82
N GLY A 8 -43.63 -0.91 5.17
CA GLY A 8 -43.75 -0.94 3.73
C GLY A 8 -42.48 -0.56 2.98
N LEU A 9 -41.33 -0.83 3.60
CA LEU A 9 -40.05 -0.34 3.08
C LEU A 9 -39.64 -1.00 1.76
N SER A 10 -39.09 -0.20 0.85
CA SER A 10 -38.56 -0.70 -0.42
C SER A 10 -37.39 -1.65 -0.18
N GLN A 11 -36.89 -2.25 -1.25
CA GLN A 11 -35.82 -3.22 -1.14
C GLN A 11 -34.45 -2.54 -1.18
N GLU A 12 -34.32 -1.46 -1.95
CA GLU A 12 -33.06 -0.71 -1.96
C GLU A 12 -32.73 -0.18 -0.56
N VAL A 13 -33.77 0.12 0.23
CA VAL A 13 -33.60 0.61 1.59
C VAL A 13 -33.41 -0.53 2.59
N MET A 14 -34.28 -1.53 2.52
CA MET A 14 -34.20 -2.67 3.40
C MET A 14 -32.83 -3.37 3.30
N LYS A 15 -32.20 -3.23 2.13
CA LYS A 15 -30.91 -3.87 1.93
C LYS A 15 -29.68 -3.05 2.32
N ALA A 16 -29.80 -1.73 2.28
CA ALA A 16 -28.76 -0.91 2.86
C ALA A 16 -28.86 -1.04 4.39
N ILE A 17 -30.06 -1.28 4.87
CA ILE A 17 -30.36 -1.34 6.31
C ILE A 17 -29.80 -2.59 6.98
N GLU A 18 -29.87 -3.73 6.29
CA GLU A 18 -29.40 -4.98 6.86
C GLU A 18 -27.87 -5.00 6.91
N ARG A 19 -27.23 -4.44 5.90
CA ARG A 19 -25.79 -4.32 5.88
C ARG A 19 -25.25 -3.51 7.06
N MET A 20 -26.15 -2.79 7.73
CA MET A 20 -25.82 -2.06 8.95
C MET A 20 -26.26 -2.84 10.17
N GLY A 21 -26.77 -4.05 9.94
CA GLY A 21 -27.17 -4.92 11.03
C GLY A 21 -28.52 -4.63 11.64
N PHE A 22 -29.36 -3.90 10.91
CA PHE A 22 -30.68 -3.58 11.44
C PHE A 22 -31.66 -4.75 11.31
N GLU A 23 -32.09 -5.28 12.46
CA GLU A 23 -33.06 -6.37 12.49
C GLU A 23 -34.36 -5.88 13.07
N GLU A 24 -34.47 -5.90 14.39
CA GLU A 24 -35.68 -5.42 15.04
C GLU A 24 -35.62 -3.90 15.25
N THR A 25 -36.80 -3.28 15.22
CA THR A 25 -36.94 -1.84 15.40
C THR A 25 -36.98 -1.50 16.88
N THR A 26 -36.49 -0.31 17.22
CA THR A 26 -36.67 0.23 18.56
C THR A 26 -38.04 0.92 18.59
N PRO A 27 -38.55 1.23 19.80
CA PRO A 27 -39.82 1.94 19.92
C PRO A 27 -39.90 3.20 19.06
N ILE A 28 -38.88 4.06 19.14
CA ILE A 28 -38.96 5.34 18.44
C ILE A 28 -39.11 5.13 16.94
N GLN A 29 -38.47 4.08 16.44
CA GLN A 29 -38.51 3.73 15.03
C GLN A 29 -39.85 3.09 14.72
N ALA A 30 -40.28 2.18 15.59
CA ALA A 30 -41.54 1.47 15.40
C ALA A 30 -42.68 2.47 15.28
N LYS A 31 -42.73 3.42 16.22
CA LYS A 31 -43.79 4.42 16.26
C LYS A 31 -43.68 5.53 15.20
N THR A 32 -42.49 6.10 14.99
CA THR A 32 -42.42 7.27 14.12
C THR A 32 -42.39 6.96 12.61
N ILE A 33 -41.75 5.86 12.24
CA ILE A 33 -41.59 5.57 10.80
C ILE A 33 -42.92 5.45 9.97
N PRO A 34 -43.94 4.75 10.50
CA PRO A 34 -45.22 4.68 9.76
C PRO A 34 -45.83 6.06 9.57
N LEU A 35 -45.99 6.80 10.68
CA LEU A 35 -46.49 8.17 10.61
C LEU A 35 -45.68 8.98 9.61
N SER A 36 -44.36 8.83 9.68
CA SER A 36 -43.50 9.59 8.80
C SER A 36 -43.59 9.15 7.33
N LEU A 37 -43.93 7.87 7.11
CA LEU A 37 -44.13 7.35 5.76
C LEU A 37 -45.49 7.79 5.23
N GLN A 38 -46.42 8.09 6.14
CA GLN A 38 -47.68 8.69 5.75
C GLN A 38 -47.53 10.20 5.55
N ASN A 39 -46.29 10.67 5.60
CA ASN A 39 -45.98 12.06 5.35
C ASN A 39 -46.50 13.02 6.42
N LYS A 40 -46.68 12.51 7.63
CA LYS A 40 -47.14 13.32 8.77
C LYS A 40 -45.98 14.05 9.48
N ASP A 41 -46.24 15.23 10.00
CA ASP A 41 -45.23 15.93 10.80
C ASP A 41 -45.03 15.18 12.12
N VAL A 42 -43.78 15.03 12.53
CA VAL A 42 -43.48 14.18 13.68
C VAL A 42 -42.48 14.83 14.64
N ILE A 43 -42.77 14.73 15.93
CA ILE A 43 -41.88 15.21 16.94
C ILE A 43 -41.46 14.00 17.77
N GLY A 44 -40.18 13.66 17.69
CA GLY A 44 -39.67 12.48 18.35
C GLY A 44 -38.93 12.91 19.59
N GLN A 45 -39.50 12.64 20.75
CA GLN A 45 -38.83 12.97 22.00
C GLN A 45 -38.12 11.75 22.56
N ALA A 46 -36.82 11.74 22.39
CA ALA A 46 -36.00 10.60 22.78
C ALA A 46 -34.54 11.00 22.72
N GLN A 47 -33.74 10.44 23.61
CA GLN A 47 -32.31 10.62 23.57
C GLN A 47 -31.70 9.62 22.59
N THR A 48 -30.46 9.90 22.16
CA THR A 48 -29.63 8.95 21.45
C THR A 48 -29.20 7.97 22.55
N GLY A 49 -28.86 6.72 22.24
CA GLY A 49 -29.04 6.09 20.96
C GLY A 49 -30.20 5.12 21.08
N THR A 50 -31.41 5.64 20.87
CA THR A 50 -32.62 4.87 20.82
C THR A 50 -32.93 4.51 19.37
N GLY A 51 -32.04 4.88 18.45
CA GLY A 51 -32.27 4.65 17.04
C GLY A 51 -33.09 5.76 16.37
N LYS A 52 -33.15 6.94 17.00
CA LYS A 52 -33.93 8.04 16.43
C LYS A 52 -33.35 8.55 15.10
N THR A 53 -32.04 8.45 14.94
CA THR A 53 -31.41 8.90 13.72
C THR A 53 -31.91 8.10 12.51
N ALA A 54 -31.98 6.78 12.66
CA ALA A 54 -32.52 5.95 11.58
C ALA A 54 -34.02 6.19 11.45
N ALA A 55 -34.66 6.51 12.57
CA ALA A 55 -36.10 6.81 12.56
C ALA A 55 -36.45 7.89 11.53
N PHE A 56 -35.60 8.91 11.35
CA PHE A 56 -35.93 9.92 10.34
C PHE A 56 -35.16 9.70 9.06
N GLY A 57 -34.02 9.00 9.15
CA GLY A 57 -33.18 8.78 7.99
C GLY A 57 -33.85 7.88 6.96
N ILE A 58 -34.47 6.82 7.44
CA ILE A 58 -35.21 5.92 6.54
C ILE A 58 -36.30 6.62 5.69
N PRO A 59 -37.21 7.39 6.34
CA PRO A 59 -38.27 7.97 5.50
C PRO A 59 -37.73 8.99 4.51
N ILE A 60 -36.63 9.64 4.86
CA ILE A 60 -36.02 10.60 3.95
C ILE A 60 -35.47 9.91 2.70
N VAL A 61 -34.73 8.82 2.89
CA VAL A 61 -34.16 8.12 1.76
C VAL A 61 -35.30 7.49 0.96
N GLU A 62 -36.28 6.95 1.66
CA GLU A 62 -37.47 6.35 1.00
C GLU A 62 -38.21 7.29 0.07
N LYS A 63 -38.26 8.58 0.41
CA LYS A 63 -39.04 9.52 -0.38
C LYS A 63 -38.20 10.35 -1.37
N VAL A 64 -36.88 10.21 -1.32
CA VAL A 64 -36.01 10.87 -2.30
C VAL A 64 -36.18 10.20 -3.67
N ASP A 65 -36.20 11.02 -4.73
CA ASP A 65 -36.09 10.49 -6.09
C ASP A 65 -34.70 10.75 -6.61
N VAL A 66 -33.94 9.68 -6.80
CA VAL A 66 -32.52 9.83 -7.15
C VAL A 66 -32.32 10.40 -8.57
N LYS A 67 -33.38 10.32 -9.38
CA LYS A 67 -33.37 10.91 -10.72
C LYS A 67 -33.45 12.43 -10.67
N ASN A 68 -34.12 12.94 -9.62
CA ASN A 68 -34.22 14.38 -9.40
C ASN A 68 -32.95 14.91 -8.77
N GLY A 69 -32.23 15.76 -9.49
CA GLY A 69 -30.93 16.23 -9.05
C GLY A 69 -31.02 17.38 -8.07
N ALA A 70 -32.24 17.68 -7.62
CA ALA A 70 -32.44 18.80 -6.70
C ALA A 70 -32.30 18.34 -5.26
N ILE A 71 -31.91 19.27 -4.38
CA ILE A 71 -31.97 19.03 -2.95
C ILE A 71 -33.44 18.82 -2.58
N GLN A 72 -33.76 17.64 -2.05
CA GLN A 72 -35.12 17.28 -1.68
C GLN A 72 -35.37 17.20 -0.16
N ALA A 73 -34.29 17.07 0.61
CA ALA A 73 -34.39 17.04 2.06
C ALA A 73 -33.27 17.83 2.74
N LEU A 74 -33.64 18.48 3.84
CA LEU A 74 -32.72 19.27 4.65
C LEU A 74 -32.78 18.81 6.11
N VAL A 75 -31.63 18.46 6.67
CA VAL A 75 -31.56 18.12 8.08
C VAL A 75 -30.70 19.18 8.76
N VAL A 76 -31.24 19.83 9.79
CA VAL A 76 -30.47 20.87 10.46
C VAL A 76 -29.92 20.28 11.74
N ALA A 77 -28.64 20.51 12.01
CA ALA A 77 -27.97 19.95 13.19
C ALA A 77 -27.18 21.08 13.87
N PRO A 78 -26.99 20.99 15.20
CA PRO A 78 -26.33 22.06 15.96
C PRO A 78 -24.84 22.23 15.67
N THR A 79 -24.16 21.15 15.28
CA THR A 79 -22.70 21.18 15.18
C THR A 79 -22.18 20.42 13.99
N ARG A 80 -20.96 20.75 13.56
CA ARG A 80 -20.27 20.01 12.51
C ARG A 80 -20.12 18.53 12.89
N GLU A 81 -19.87 18.26 14.17
CA GLU A 81 -19.77 16.87 14.60
C GLU A 81 -21.05 16.08 14.31
N LEU A 82 -22.20 16.64 14.69
CA LEU A 82 -23.46 15.93 14.45
C LEU A 82 -23.80 15.92 12.96
N ALA A 83 -23.56 17.03 12.25
CA ALA A 83 -23.83 17.04 10.81
C ALA A 83 -23.07 15.88 10.14
N ILE A 84 -21.80 15.72 10.48
CA ILE A 84 -21.01 14.62 9.91
C ILE A 84 -21.54 13.24 10.28
N GLN A 85 -21.78 12.98 11.58
CA GLN A 85 -22.34 11.70 12.03
C GLN A 85 -23.67 11.34 11.35
N VAL A 86 -24.59 12.30 11.33
CA VAL A 86 -25.92 12.07 10.72
C VAL A 86 -25.84 11.84 9.21
N SER A 87 -25.02 12.62 8.52
CA SER A 87 -24.84 12.45 7.08
C SER A 87 -24.26 11.08 6.79
N GLU A 88 -23.25 10.70 7.57
CA GLU A 88 -22.66 9.38 7.43
C GLU A 88 -23.72 8.28 7.60
N GLU A 89 -24.61 8.43 8.57
CA GLU A 89 -25.63 7.41 8.76
C GLU A 89 -26.68 7.43 7.64
N LEU A 90 -27.09 8.62 7.21
CA LEU A 90 -28.03 8.72 6.09
C LEU A 90 -27.37 8.19 4.80
N TYR A 91 -26.13 8.58 4.53
CA TYR A 91 -25.39 8.04 3.41
C TYR A 91 -25.53 6.51 3.33
N LYS A 92 -25.21 5.82 4.42
CA LYS A 92 -25.27 4.37 4.48
C LYS A 92 -26.70 3.85 4.28
N ILE A 93 -27.68 4.53 4.88
CA ILE A 93 -29.07 4.17 4.70
C ILE A 93 -29.47 4.28 3.21
N GLY A 94 -28.88 5.22 2.48
CA GLY A 94 -29.25 5.44 1.09
C GLY A 94 -28.17 5.05 0.08
N ALA A 95 -27.31 4.12 0.48
CA ALA A 95 -26.17 3.70 -0.35
C ALA A 95 -26.62 2.85 -1.56
N VAL A 96 -27.42 1.82 -1.28
CA VAL A 96 -27.99 0.98 -2.35
C VAL A 96 -28.81 1.78 -3.38
N LYS A 97 -29.72 2.63 -2.89
CA LYS A 97 -30.59 3.42 -3.76
C LYS A 97 -29.79 4.53 -4.45
N ARG A 98 -28.58 4.76 -3.92
CA ARG A 98 -27.68 5.78 -4.45
C ARG A 98 -28.18 7.19 -4.16
N VAL A 99 -28.63 7.39 -2.91
CA VAL A 99 -28.98 8.72 -2.41
C VAL A 99 -27.70 9.44 -2.00
N ARG A 100 -27.55 10.68 -2.44
CA ARG A 100 -26.32 11.46 -2.25
C ARG A 100 -26.40 12.55 -1.16
N VAL A 101 -25.67 12.34 -0.08
CA VAL A 101 -25.74 13.20 1.09
C VAL A 101 -24.50 14.07 1.22
N LEU A 102 -24.70 15.35 1.54
CA LEU A 102 -23.63 16.30 1.68
C LEU A 102 -23.74 17.05 3.00
N PRO A 103 -22.71 16.95 3.85
CA PRO A 103 -22.70 17.72 5.10
C PRO A 103 -22.26 19.14 4.82
N ILE A 104 -22.83 20.11 5.54
CA ILE A 104 -22.51 21.52 5.34
C ILE A 104 -22.31 22.14 6.72
N TYR A 105 -21.11 22.63 6.99
CA TYR A 105 -20.83 23.07 8.36
C TYR A 105 -19.82 24.21 8.44
N GLY A 106 -19.64 24.76 9.63
CA GLY A 106 -18.68 25.83 9.84
C GLY A 106 -17.24 25.34 9.89
N GLY A 107 -16.29 26.28 9.79
CA GLY A 107 -14.89 25.97 9.96
C GLY A 107 -14.21 25.30 8.78
N GLN A 108 -14.99 24.99 7.74
CA GLN A 108 -14.45 24.41 6.51
C GLN A 108 -14.45 25.50 5.45
N ASP A 109 -13.62 25.35 4.41
CA ASP A 109 -13.55 26.36 3.35
C ASP A 109 -14.84 26.30 2.55
N ILE A 110 -15.62 27.37 2.59
CA ILE A 110 -16.93 27.42 1.92
C ILE A 110 -16.84 27.08 0.43
N GLU A 111 -15.68 27.36 -0.18
CA GLU A 111 -15.42 27.00 -1.59
C GLU A 111 -15.45 25.49 -1.82
N ARG A 112 -14.83 24.74 -0.92
CA ARG A 112 -14.87 23.28 -0.97
C ARG A 112 -16.32 22.79 -0.93
N GLN A 113 -17.19 23.59 -0.31
CA GLN A 113 -18.61 23.26 -0.22
C GLN A 113 -19.38 23.62 -1.49
N ILE A 114 -19.09 24.79 -2.07
CA ILE A 114 -19.65 25.13 -3.39
C ILE A 114 -19.33 24.02 -4.38
N ARG A 115 -18.10 23.55 -4.31
CA ARG A 115 -17.60 22.51 -5.21
C ARG A 115 -18.39 21.21 -5.05
N ALA A 116 -18.63 20.81 -3.81
CA ALA A 116 -19.37 19.58 -3.56
C ALA A 116 -20.83 19.74 -3.97
N LEU A 117 -21.38 20.94 -3.82
CA LEU A 117 -22.77 21.20 -4.20
C LEU A 117 -23.05 20.90 -5.67
N LYS A 118 -22.11 21.25 -6.56
CA LYS A 118 -22.26 21.00 -8.00
C LYS A 118 -22.62 19.54 -8.32
N LYS A 119 -22.23 18.61 -7.46
CA LYS A 119 -22.51 17.19 -7.64
C LYS A 119 -23.97 16.87 -7.32
N HIS A 120 -24.76 17.91 -7.08
CA HIS A 120 -26.20 17.77 -6.89
C HIS A 120 -26.62 16.73 -5.84
N PRO A 121 -26.26 16.98 -4.56
CA PRO A 121 -26.72 16.06 -3.51
C PRO A 121 -28.24 16.09 -3.36
N HIS A 122 -28.81 15.00 -2.87
CA HIS A 122 -30.24 14.90 -2.64
C HIS A 122 -30.60 15.43 -1.26
N VAL A 123 -29.79 15.05 -0.27
CA VAL A 123 -30.00 15.41 1.14
C VAL A 123 -28.86 16.29 1.64
N ILE A 124 -29.21 17.46 2.19
CA ILE A 124 -28.24 18.33 2.83
C ILE A 124 -28.40 18.17 4.35
N VAL A 125 -27.34 17.82 5.05
CA VAL A 125 -27.39 17.95 6.50
C VAL A 125 -26.37 18.97 7.00
N GLY A 126 -26.87 20.02 7.66
CA GLY A 126 -26.00 21.10 7.99
C GLY A 126 -26.24 21.93 9.23
N THR A 127 -25.34 22.90 9.37
CA THR A 127 -25.31 23.81 10.48
C THR A 127 -26.11 25.07 10.10
N PRO A 128 -26.86 25.63 11.06
CA PRO A 128 -27.76 26.74 10.70
C PRO A 128 -27.03 27.96 10.11
N GLY A 129 -26.02 28.47 10.81
CA GLY A 129 -25.25 29.61 10.34
C GLY A 129 -24.64 29.40 8.95
N ARG A 130 -24.17 28.20 8.71
CA ARG A 130 -23.52 27.90 7.42
C ARG A 130 -24.53 27.65 6.30
N ILE A 131 -25.62 26.98 6.63
CA ILE A 131 -26.69 26.81 5.66
C ILE A 131 -27.25 28.17 5.22
N ILE A 132 -27.57 29.02 6.20
CA ILE A 132 -28.10 30.34 5.90
C ILE A 132 -27.09 31.15 5.08
N ASP A 133 -25.80 30.82 5.28
CA ASP A 133 -24.69 31.44 4.53
C ASP A 133 -24.75 31.10 3.04
N HIS A 134 -24.80 29.81 2.72
CA HIS A 134 -24.93 29.36 1.33
C HIS A 134 -26.22 29.86 0.69
N ILE A 135 -27.26 29.99 1.52
CA ILE A 135 -28.57 30.45 1.05
C ILE A 135 -28.49 31.86 0.49
N ASN A 136 -27.91 32.77 1.27
CA ASN A 136 -27.73 34.16 0.87
C ASN A 136 -26.89 34.33 -0.40
N ARG A 137 -26.11 33.30 -0.74
CA ARG A 137 -25.22 33.35 -1.91
C ARG A 137 -25.74 32.50 -3.07
N GLY A 138 -26.98 32.00 -2.94
CA GLY A 138 -27.60 31.24 -4.01
C GLY A 138 -26.99 29.90 -4.34
N THR A 139 -25.89 29.54 -3.68
CA THR A 139 -25.26 28.23 -3.92
C THR A 139 -26.10 27.09 -3.36
N LEU A 140 -26.90 27.39 -2.34
CA LEU A 140 -27.84 26.41 -1.81
C LEU A 140 -29.24 26.86 -2.20
N ARG A 141 -29.90 26.08 -3.07
CA ARG A 141 -31.24 26.41 -3.53
C ARG A 141 -32.20 25.35 -3.02
N LEU A 142 -33.18 25.77 -2.22
CA LEU A 142 -34.02 24.82 -1.49
C LEU A 142 -35.46 24.73 -1.97
N GLU A 143 -35.73 25.10 -3.22
CA GLU A 143 -37.11 25.11 -3.71
C GLU A 143 -37.73 23.73 -3.90
N HIS A 144 -36.91 22.69 -3.98
CA HIS A 144 -37.49 21.36 -4.08
C HIS A 144 -37.39 20.60 -2.77
N VAL A 145 -37.03 21.30 -1.69
CA VAL A 145 -37.05 20.67 -0.38
C VAL A 145 -38.49 20.49 0.11
N HIS A 146 -38.88 19.24 0.35
CA HIS A 146 -40.19 18.97 0.93
C HIS A 146 -40.10 18.14 2.21
N THR A 147 -38.87 18.02 2.72
CA THR A 147 -38.62 17.40 4.03
C THR A 147 -37.53 18.17 4.81
N VAL A 148 -37.92 18.66 5.97
CA VAL A 148 -37.00 19.34 6.87
C VAL A 148 -37.00 18.61 8.20
N VAL A 149 -35.80 18.27 8.68
CA VAL A 149 -35.66 17.67 9.99
C VAL A 149 -34.84 18.60 10.87
N LEU A 150 -35.33 18.88 12.07
CA LEU A 150 -34.54 19.60 13.06
C LEU A 150 -34.08 18.56 14.07
N ASP A 151 -32.78 18.38 14.21
CA ASP A 151 -32.26 17.25 14.98
C ASP A 151 -31.47 17.75 16.16
N GLU A 152 -31.62 17.09 17.31
CA GLU A 152 -31.01 17.51 18.58
C GLU A 152 -31.38 18.98 18.78
N ALA A 153 -32.65 19.25 18.54
CA ALA A 153 -33.13 20.63 18.52
C ALA A 153 -32.89 21.36 19.84
N ASP A 154 -32.88 20.66 20.97
CA ASP A 154 -32.70 21.39 22.22
C ASP A 154 -31.30 22.04 22.28
N GLU A 155 -30.34 21.42 21.58
CA GLU A 155 -29.00 21.98 21.46
C GLU A 155 -28.94 23.22 20.59
N MET A 156 -29.93 23.42 19.72
CA MET A 156 -29.99 24.60 18.85
C MET A 156 -30.88 25.70 19.45
N LEU A 157 -30.95 25.80 20.76
CA LEU A 157 -31.72 26.85 21.39
C LEU A 157 -30.81 27.92 22.00
N GLY A 160 -30.21 33.36 18.04
CA GLY A 160 -28.90 32.98 17.52
C GLY A 160 -29.08 31.85 16.53
N PHE A 161 -29.16 30.63 17.05
CA PHE A 161 -29.57 29.51 16.20
C PHE A 161 -31.03 29.69 15.84
N ILE A 162 -31.83 30.14 16.80
CA ILE A 162 -33.26 30.29 16.59
C ILE A 162 -33.52 31.20 15.38
N GLU A 163 -32.83 32.34 15.33
CA GLU A 163 -33.01 33.29 14.24
C GLU A 163 -32.59 32.71 12.89
N ASP A 164 -31.46 32.01 12.84
CA ASP A 164 -31.06 31.35 11.60
C ASP A 164 -32.02 30.25 11.15
N ILE A 165 -32.54 29.49 12.10
CA ILE A 165 -33.50 28.43 11.77
C ILE A 165 -34.76 29.03 11.13
N GLU A 166 -35.25 30.15 11.70
CA GLU A 166 -36.40 30.86 11.14
C GLU A 166 -36.12 31.38 9.74
N ALA A 167 -34.91 31.90 9.54
CA ALA A 167 -34.54 32.40 8.22
C ALA A 167 -34.40 31.25 7.21
N ILE A 168 -33.86 30.12 7.63
CA ILE A 168 -33.75 28.96 6.75
C ILE A 168 -35.14 28.54 6.28
N LEU A 169 -36.03 28.29 7.23
CA LEU A 169 -37.41 27.89 6.93
C LEU A 169 -38.14 28.87 6.00
N SER A 170 -37.76 30.15 6.01
CA SER A 170 -38.38 31.15 5.15
C SER A 170 -38.12 30.82 3.67
N HIS A 171 -37.01 30.15 3.40
CA HIS A 171 -36.61 29.81 2.03
C HIS A 171 -37.10 28.44 1.57
N VAL A 172 -37.61 27.66 2.50
CA VAL A 172 -38.11 26.33 2.15
C VAL A 172 -39.61 26.40 1.86
N PRO A 173 -40.08 25.69 0.81
CA PRO A 173 -41.51 25.60 0.50
C PRO A 173 -42.40 25.46 1.74
N ALA A 174 -43.48 26.23 1.81
CA ALA A 174 -44.46 26.12 2.89
C ALA A 174 -45.04 24.72 2.97
N GLU A 175 -45.23 24.10 1.81
CA GLU A 175 -45.80 22.76 1.75
C GLU A 175 -44.68 21.75 1.86
N ARG A 176 -44.66 21.00 2.95
CA ARG A 176 -43.51 20.17 3.27
C ARG A 176 -43.78 19.35 4.52
N GLN A 177 -43.01 18.29 4.68
CA GLN A 177 -43.06 17.54 5.92
C GLN A 177 -41.96 18.07 6.83
N THR A 178 -42.30 18.28 8.09
CA THR A 178 -41.30 18.74 9.05
C THR A 178 -41.22 17.73 10.19
N LEU A 179 -39.99 17.39 10.59
CA LEU A 179 -39.76 16.46 11.68
C LEU A 179 -38.81 17.10 12.71
N LEU A 180 -39.11 16.96 14.01
CA LEU A 180 -38.25 17.55 15.03
C LEU A 180 -37.88 16.50 16.05
N PHE A 181 -36.58 16.36 16.28
CA PHE A 181 -36.08 15.40 17.26
C PHE A 181 -35.32 16.13 18.34
N SER A 182 -35.67 15.84 19.58
CA SER A 182 -35.02 16.43 20.73
C SER A 182 -35.22 15.55 21.95
N ALA A 183 -34.21 15.46 22.81
CA ALA A 183 -34.31 14.69 24.04
C ALA A 183 -35.28 15.35 25.00
N THR A 184 -35.17 16.67 25.13
CA THR A 184 -36.00 17.44 26.04
C THR A 184 -36.85 18.39 25.22
N MET A 185 -37.95 18.84 25.80
CA MET A 185 -38.84 19.76 25.09
C MET A 185 -39.06 21.02 25.88
N PRO A 186 -38.06 21.93 25.86
CA PRO A 186 -38.23 23.24 26.47
C PRO A 186 -39.24 24.02 25.65
N ASP A 187 -39.95 24.95 26.25
CA ASP A 187 -41.03 25.63 25.55
C ASP A 187 -40.67 26.42 24.27
N PRO A 188 -39.39 26.84 24.14
CA PRO A 188 -39.05 27.34 22.80
C PRO A 188 -39.12 26.27 21.70
N ILE A 189 -38.99 24.99 22.04
CA ILE A 189 -39.23 23.92 21.06
C ILE A 189 -40.69 23.96 20.66
N ARG A 190 -41.55 24.07 21.68
CA ARG A 190 -42.99 24.16 21.48
C ARG A 190 -43.37 25.27 20.49
N ARG A 191 -42.76 26.44 20.68
CA ARG A 191 -42.96 27.57 19.78
C ARG A 191 -42.61 27.23 18.34
N ILE A 192 -41.47 26.59 18.13
CA ILE A 192 -41.09 26.08 16.80
C ILE A 192 -42.18 25.19 16.22
N ALA A 193 -42.64 24.24 17.03
CA ALA A 193 -43.66 23.28 16.60
C ALA A 193 -44.95 23.97 16.17
N GLU A 194 -45.42 24.91 17.01
CA GLU A 194 -46.65 25.64 16.73
C GLU A 194 -46.59 26.42 15.42
N ARG A 195 -45.44 27.04 15.16
CA ARG A 195 -45.35 27.97 14.04
C ARG A 195 -44.95 27.34 12.71
N PHE A 196 -44.16 26.27 12.76
CA PHE A 196 -43.61 25.70 11.53
C PHE A 196 -44.05 24.29 11.21
N MET A 197 -44.68 23.62 12.17
CA MET A 197 -45.13 22.25 11.94
C MET A 197 -46.63 22.15 11.85
N ASN A 198 -47.10 21.14 11.13
CA ASN A 198 -48.50 20.99 10.85
C ASN A 198 -49.08 19.74 11.49
N GLU A 199 -49.97 19.92 12.47
CA GLU A 199 -50.56 18.80 13.20
C GLU A 199 -49.53 17.80 13.73
N PRO A 200 -48.49 18.27 14.44
CA PRO A 200 -47.43 17.30 14.74
C PRO A 200 -47.88 16.19 15.70
N GLU A 201 -47.41 14.97 15.42
CA GLU A 201 -47.65 13.82 16.28
C GLU A 201 -46.43 13.68 17.19
N LEU A 202 -46.63 13.62 18.49
CA LEU A 202 -45.54 13.45 19.45
C LEU A 202 -45.30 11.98 19.73
N VAL A 203 -44.03 11.58 19.69
CA VAL A 203 -43.67 10.25 20.09
C VAL A 203 -42.58 10.36 21.15
N LYS A 204 -42.89 9.90 22.36
CA LYS A 204 -41.98 10.04 23.46
C LYS A 204 -41.54 8.69 23.98
N VAL A 205 -40.23 8.55 24.17
CA VAL A 205 -39.65 7.34 24.72
C VAL A 205 -39.04 7.68 26.06
N LYS A 206 -39.28 6.82 27.06
CA LYS A 206 -38.76 7.07 28.39
C LYS A 206 -37.22 7.02 28.44
N ALA A 207 -36.62 8.07 29.00
CA ALA A 207 -35.18 8.15 29.21
C ALA A 207 -34.68 7.03 30.13
N VAL A 212 -23.41 3.67 29.36
CA VAL A 212 -23.22 2.53 30.24
C VAL A 212 -22.11 2.83 31.26
N PRO A 213 -22.30 2.38 32.52
CA PRO A 213 -21.34 2.65 33.61
C PRO A 213 -20.03 1.93 33.31
N ASN A 214 -20.09 1.11 32.27
CA ASN A 214 -19.00 0.30 31.80
C ASN A 214 -17.84 1.10 31.19
N ILE A 215 -18.13 2.31 30.70
CA ILE A 215 -17.09 3.22 30.20
C ILE A 215 -16.63 4.13 31.32
N GLN A 216 -15.32 4.14 31.58
CA GLN A 216 -14.76 5.12 32.51
C GLN A 216 -14.48 6.41 31.76
N GLN A 217 -14.95 7.53 32.31
CA GLN A 217 -14.87 8.79 31.57
C GLN A 217 -13.98 9.80 32.28
N TYR A 218 -12.97 10.28 31.55
CA TYR A 218 -12.04 11.24 32.08
C TYR A 218 -12.02 12.47 31.17
N TYR A 219 -11.68 13.62 31.75
CA TYR A 219 -11.27 14.76 30.94
C TYR A 219 -9.90 15.27 31.40
N LEU A 220 -9.23 16.01 30.54
CA LEU A 220 -7.99 16.66 30.92
C LEU A 220 -8.03 18.07 30.39
N GLU A 221 -7.60 19.03 31.22
CA GLU A 221 -7.52 20.43 30.79
C GLU A 221 -6.14 20.67 30.20
N VAL A 222 -6.10 21.06 28.92
CA VAL A 222 -4.83 21.20 28.22
C VAL A 222 -4.92 22.31 27.18
N HIS A 223 -3.83 23.04 26.97
CA HIS A 223 -3.75 24.01 25.87
C HIS A 223 -3.53 23.31 24.55
N GLU A 224 -3.97 23.95 23.47
CA GLU A 224 -3.87 23.36 22.13
C GLU A 224 -2.48 22.84 21.83
N LYS A 225 -1.48 23.69 22.10
CA LYS A 225 -0.12 23.39 21.75
C LYS A 225 0.37 22.16 22.48
N LYS A 226 -0.29 21.82 23.60
CA LYS A 226 0.18 20.70 24.42
C LYS A 226 -0.48 19.35 24.10
N LYS A 227 -1.59 19.38 23.35
CA LYS A 227 -2.38 18.17 23.13
C LYS A 227 -1.58 16.97 22.60
N PHE A 228 -0.75 17.23 21.58
CA PHE A 228 -0.04 16.10 20.97
C PHE A 228 0.88 15.35 21.95
N ASP A 229 1.76 16.06 22.65
CA ASP A 229 2.59 15.36 23.64
C ASP A 229 1.78 14.67 24.76
N ILE A 230 0.67 15.26 25.21
CA ILE A 230 -0.12 14.61 26.24
C ILE A 230 -0.69 13.31 25.67
N LEU A 231 -1.09 13.35 24.41
CA LEU A 231 -1.62 12.17 23.74
C LEU A 231 -0.59 11.04 23.73
N THR A 232 0.59 11.31 23.18
CA THR A 232 1.60 10.26 23.04
C THR A 232 2.02 9.74 24.41
N ARG A 233 2.09 10.65 25.38
CA ARG A 233 2.40 10.24 26.77
C ARG A 233 1.34 9.29 27.31
N LEU A 234 0.06 9.64 27.12
CA LEU A 234 -1.03 8.74 27.46
C LEU A 234 -0.86 7.41 26.72
N LEU A 235 -0.58 7.47 25.42
CA LEU A 235 -0.39 6.22 24.69
C LEU A 235 0.77 5.40 25.29
N ASP A 236 1.82 6.07 25.73
CA ASP A 236 2.96 5.39 26.32
C ASP A 236 2.61 4.73 27.65
N ILE A 237 1.76 5.37 28.44
CA ILE A 237 1.38 4.85 29.76
C ILE A 237 0.33 3.74 29.69
N GLN A 238 -0.71 3.97 28.89
CA GLN A 238 -1.86 3.09 28.85
C GLN A 238 -1.68 1.97 27.84
N ALA A 239 -0.82 2.20 26.85
CA ALA A 239 -0.61 1.28 25.72
C ALA A 239 -1.87 0.48 25.30
N PRO A 240 -2.88 1.17 24.74
CA PRO A 240 -4.16 0.53 24.38
C PRO A 240 -4.02 -0.58 23.33
N GLU A 241 -4.84 -1.61 23.43
CA GLU A 241 -4.83 -2.68 22.42
C GLU A 241 -5.24 -2.10 21.08
N LEU A 242 -6.32 -1.32 21.11
CA LEU A 242 -6.86 -0.62 19.94
C LEU A 242 -7.45 0.67 20.45
N ALA A 243 -7.08 1.77 19.81
CA ALA A 243 -7.55 3.06 20.27
C ALA A 243 -8.09 3.85 19.08
N ILE A 244 -9.02 4.75 19.36
CA ILE A 244 -9.49 5.69 18.37
C ILE A 244 -9.22 7.06 18.92
N VAL A 245 -8.62 7.93 18.09
CA VAL A 245 -8.39 9.32 18.45
C VAL A 245 -9.25 10.18 17.54
N PHE A 246 -10.24 10.86 18.13
CA PHE A 246 -11.15 11.68 17.34
C PHE A 246 -10.63 13.12 17.24
N GLY A 247 -10.65 13.67 16.03
CA GLY A 247 -10.20 15.04 15.79
C GLY A 247 -11.27 15.80 15.03
N ARG A 248 -11.17 17.12 15.04
CA ARG A 248 -12.23 17.98 14.52
C ARG A 248 -12.28 18.13 12.97
N THR A 249 -11.11 18.14 12.30
CA THR A 249 -11.09 18.36 10.85
C THR A 249 -10.28 17.29 10.12
N LYS A 250 -10.44 17.21 8.79
CA LYS A 250 -9.60 16.31 7.99
C LYS A 250 -8.13 16.61 8.15
N ARG A 251 -7.77 17.90 8.10
CA ARG A 251 -6.36 18.27 8.14
C ARG A 251 -5.76 17.84 9.49
N ARG A 252 -6.49 18.10 10.58
CA ARG A 252 -5.98 17.76 11.91
C ARG A 252 -5.88 16.26 12.10
N VAL A 253 -6.85 15.53 11.55
CA VAL A 253 -6.79 14.07 11.58
C VAL A 253 -5.60 13.54 10.75
N ASP A 254 -5.38 14.08 9.55
CA ASP A 254 -4.22 13.71 8.73
C ASP A 254 -2.89 14.00 9.41
N GLU A 255 -2.75 15.22 9.91
CA GLU A 255 -1.50 15.60 10.56
C GLU A 255 -1.25 14.76 11.82
N LEU A 256 -2.33 14.48 12.56
CA LEU A 256 -2.24 13.68 13.76
C LEU A 256 -1.78 12.26 13.42
N ALA A 257 -2.39 11.63 12.41
CA ALA A 257 -1.99 10.26 12.09
C ALA A 257 -0.51 10.25 11.63
N GLU A 258 -0.11 11.26 10.86
CA GLU A 258 1.25 11.32 10.34
C GLU A 258 2.28 11.49 11.49
N ALA A 259 2.01 12.43 12.39
CA ALA A 259 2.86 12.67 13.56
C ALA A 259 3.01 11.41 14.40
N LEU A 260 1.93 10.66 14.55
CA LEU A 260 1.95 9.43 15.32
C LEU A 260 2.82 8.40 14.63
N ASN A 261 2.63 8.27 13.32
CA ASN A 261 3.44 7.33 12.55
C ASN A 261 4.93 7.69 12.61
N LEU A 262 5.25 8.97 12.48
CA LEU A 262 6.65 9.42 12.63
C LEU A 262 7.27 9.16 14.03
N ARG A 263 6.44 8.99 15.05
CA ARG A 263 6.91 8.63 16.40
C ARG A 263 6.95 7.12 16.58
N GLY A 264 6.60 6.39 15.53
CA GLY A 264 6.67 4.95 15.58
C GLY A 264 5.41 4.25 16.05
N TYR A 265 4.30 4.99 16.19
CA TYR A 265 3.02 4.33 16.52
C TYR A 265 2.41 3.81 15.23
N ALA A 266 1.63 2.73 15.31
CA ALA A 266 0.96 2.23 14.09
C ALA A 266 -0.42 2.86 13.96
N ALA A 267 -0.54 3.88 13.13
CA ALA A 267 -1.78 4.65 13.05
C ALA A 267 -2.17 5.00 11.62
N GLU A 268 -3.47 5.19 11.40
CA GLU A 268 -3.99 5.64 10.09
C GLU A 268 -5.17 6.57 10.31
N GLY A 269 -5.39 7.48 9.37
CA GLY A 269 -6.47 8.45 9.47
C GLY A 269 -7.65 8.07 8.61
N ILE A 270 -8.85 8.35 9.10
CA ILE A 270 -10.03 8.23 8.26
C ILE A 270 -10.87 9.51 8.33
N HIS A 271 -11.35 9.97 7.19
CA HIS A 271 -12.18 11.15 7.13
C HIS A 271 -13.05 11.16 5.88
N GLY A 272 -13.79 12.26 5.68
CA GLY A 272 -14.79 12.34 4.63
C GLY A 272 -14.29 12.52 3.20
N ASP A 273 -13.03 12.91 3.03
CA ASP A 273 -12.50 13.11 1.68
C ASP A 273 -11.93 11.83 1.08
N LEU A 274 -11.82 10.80 1.91
CA LEU A 274 -11.32 9.51 1.47
C LEU A 274 -12.40 8.76 0.69
N SER A 275 -11.98 7.93 -0.25
CA SER A 275 -12.91 7.11 -1.01
C SER A 275 -13.47 6.01 -0.14
N GLN A 276 -14.67 5.53 -0.48
CA GLN A 276 -15.23 4.36 0.20
C GLN A 276 -14.25 3.19 0.22
N ALA A 277 -13.52 3.00 -0.88
CA ALA A 277 -12.51 1.92 -0.97
C ALA A 277 -11.44 2.06 0.11
N LYS A 278 -10.90 3.26 0.22
CA LYS A 278 -9.84 3.56 1.19
C LYS A 278 -10.32 3.41 2.63
N ARG A 279 -11.52 3.93 2.92
CA ARG A 279 -12.00 3.85 4.29
C ARG A 279 -12.25 2.40 4.72
N LEU A 280 -12.80 1.58 3.83
CA LEU A 280 -12.97 0.15 4.12
C LEU A 280 -11.62 -0.54 4.38
N SER A 281 -10.63 -0.22 3.53
CA SER A 281 -9.28 -0.73 3.74
C SER A 281 -8.74 -0.33 5.14
N VAL A 282 -8.88 0.94 5.50
CA VAL A 282 -8.40 1.38 6.82
C VAL A 282 -9.14 0.67 7.94
N LEU A 283 -10.47 0.62 7.84
CA LEU A 283 -11.28 -0.04 8.86
C LEU A 283 -10.91 -1.52 9.00
N ARG A 284 -10.60 -2.16 7.85
CA ARG A 284 -10.08 -3.53 7.88
C ARG A 284 -8.78 -3.63 8.67
N LYS A 285 -7.81 -2.78 8.32
CA LYS A 285 -6.55 -2.74 9.05
C LYS A 285 -6.72 -2.53 10.56
N PHE A 286 -7.65 -1.64 10.93
CA PHE A 286 -7.92 -1.35 12.34
C PHE A 286 -8.57 -2.55 13.00
N LYS A 287 -9.65 -3.04 12.39
CA LYS A 287 -10.38 -4.22 12.89
C LYS A 287 -9.45 -5.39 13.21
N GLU A 288 -8.52 -5.67 12.29
CA GLU A 288 -7.62 -6.82 12.46
C GLU A 288 -6.42 -6.48 13.33
N GLY A 289 -6.29 -5.21 13.71
CA GLY A 289 -5.20 -4.80 14.57
C GLY A 289 -3.86 -4.78 13.84
N ALA A 290 -3.88 -4.54 12.54
CA ALA A 290 -2.66 -4.30 11.80
C ALA A 290 -2.15 -2.91 12.16
N ILE A 291 -3.07 -2.04 12.60
CA ILE A 291 -2.71 -0.79 13.26
C ILE A 291 -3.33 -0.78 14.66
N GLU A 292 -2.70 -0.06 15.59
CA GLU A 292 -3.16 0.06 16.97
C GLU A 292 -4.05 1.29 17.14
N ILE A 293 -3.92 2.26 16.24
CA ILE A 293 -4.56 3.56 16.45
C ILE A 293 -5.25 4.09 15.23
N LEU A 294 -6.58 4.18 15.29
CA LEU A 294 -7.35 4.85 14.26
C LEU A 294 -7.55 6.33 14.64
N VAL A 295 -7.09 7.24 13.79
CA VAL A 295 -7.34 8.67 13.96
C VAL A 295 -8.49 9.02 13.01
N ALA A 296 -9.52 9.70 13.52
CA ALA A 296 -10.74 9.85 12.75
C ALA A 296 -11.51 11.14 13.01
N THR A 297 -12.22 11.60 12.00
CA THR A 297 -13.29 12.57 12.19
C THR A 297 -14.54 11.83 12.57
N ASP A 298 -15.63 12.57 12.79
CA ASP A 298 -16.86 11.94 13.23
C ASP A 298 -17.48 11.04 12.16
N VAL A 299 -16.77 10.85 11.04
CA VAL A 299 -17.27 9.95 10.01
C VAL A 299 -17.11 8.49 10.45
N ALA A 300 -16.39 8.28 11.55
CA ALA A 300 -16.13 6.94 12.09
C ALA A 300 -16.60 6.81 13.53
N ALA A 301 -17.53 7.67 13.94
CA ALA A 301 -18.03 7.65 15.31
C ALA A 301 -19.15 6.64 15.55
N ARG A 302 -19.84 6.22 14.48
CA ARG A 302 -20.96 5.28 14.67
C ARG A 302 -20.88 4.02 13.81
N GLY A 303 -21.49 2.93 14.28
CA GLY A 303 -21.66 1.73 13.47
C GLY A 303 -20.40 1.18 12.84
N LEU A 304 -19.33 1.05 13.64
CA LEU A 304 -18.06 0.59 13.10
C LEU A 304 -17.99 -0.96 12.98
N ASP A 305 -18.77 -1.68 13.80
CA ASP A 305 -18.72 -3.15 13.86
C ASP A 305 -17.31 -3.67 14.22
N ILE A 306 -16.70 -3.04 15.22
CA ILE A 306 -15.45 -3.55 15.76
C ILE A 306 -15.52 -3.51 17.28
N SER A 307 -15.16 -4.63 17.91
CA SER A 307 -15.44 -4.84 19.33
C SER A 307 -14.23 -4.77 20.25
N GLY A 308 -13.05 -4.55 19.70
CA GLY A 308 -11.85 -4.56 20.53
C GLY A 308 -11.26 -3.22 20.96
N VAL A 309 -12.01 -2.13 20.75
CA VAL A 309 -11.52 -0.79 21.12
C VAL A 309 -11.59 -0.61 22.62
N THR A 310 -10.45 -0.33 23.24
CA THR A 310 -10.36 -0.23 24.70
C THR A 310 -10.20 1.20 25.13
N HIS A 311 -9.78 2.06 24.20
CA HIS A 311 -9.59 3.46 24.53
C HIS A 311 -10.11 4.40 23.43
N VAL A 312 -10.76 5.46 23.87
CA VAL A 312 -11.15 6.51 22.95
C VAL A 312 -10.57 7.81 23.45
N TYR A 313 -9.88 8.53 22.57
CA TYR A 313 -9.36 9.85 22.92
C TYR A 313 -10.06 10.91 22.09
N ASN A 314 -10.72 11.86 22.75
CA ASN A 314 -11.26 13.01 22.04
C ASN A 314 -10.17 14.08 22.03
N PHE A 315 -9.35 14.07 20.98
CA PHE A 315 -8.24 15.03 20.88
C PHE A 315 -8.87 16.42 20.83
N ASP A 316 -9.99 16.51 20.11
CA ASP A 316 -10.78 17.73 20.02
C ASP A 316 -12.15 17.44 20.60
N ILE A 317 -12.57 18.21 21.59
CA ILE A 317 -13.87 18.02 22.25
C ILE A 317 -15.00 18.12 21.24
N PRO A 318 -15.88 17.11 21.23
CA PRO A 318 -17.11 17.17 20.45
C PRO A 318 -18.01 18.22 21.11
N GLN A 319 -18.65 19.06 20.30
CA GLN A 319 -19.31 20.23 20.87
C GLN A 319 -20.68 19.90 21.51
N ASP A 320 -21.36 18.91 20.97
CA ASP A 320 -22.70 18.56 21.45
C ASP A 320 -22.66 17.18 22.12
N PRO A 321 -23.51 16.97 23.13
CA PRO A 321 -23.54 15.70 23.88
C PRO A 321 -23.80 14.48 23.02
N GLU A 322 -24.69 14.58 22.04
CA GLU A 322 -25.01 13.39 21.25
C GLU A 322 -23.80 12.85 20.49
N SER A 323 -23.04 13.75 19.85
CA SER A 323 -21.80 13.32 19.21
C SER A 323 -20.81 12.75 20.21
N TYR A 324 -20.78 13.30 21.42
CA TYR A 324 -19.85 12.79 22.40
C TYR A 324 -20.21 11.34 22.74
N VAL A 325 -21.50 11.10 22.95
CA VAL A 325 -21.95 9.79 23.43
C VAL A 325 -21.60 8.71 22.42
N HIS A 326 -21.79 9.03 21.15
CA HIS A 326 -21.49 8.06 20.11
C HIS A 326 -19.99 7.84 19.93
N ARG A 327 -19.21 8.89 20.15
CA ARG A 327 -17.76 8.76 20.07
C ARG A 327 -17.22 7.81 21.13
N ILE A 328 -17.61 8.03 22.39
CA ILE A 328 -17.04 7.21 23.45
C ILE A 328 -17.63 5.80 23.49
N GLY A 329 -18.85 5.63 22.96
CA GLY A 329 -19.48 4.32 22.93
C GLY A 329 -18.80 3.40 21.92
N ARG A 330 -17.76 3.87 21.24
CA ARG A 330 -16.96 3.02 20.37
C ARG A 330 -16.24 1.99 21.20
N THR A 331 -16.07 2.28 22.49
CA THR A 331 -15.40 1.37 23.41
C THR A 331 -16.42 0.87 24.44
N GLY A 332 -15.99 0.02 25.37
CA GLY A 332 -16.91 -0.57 26.32
C GLY A 332 -17.97 -1.43 25.64
N ARG A 333 -17.62 -2.07 24.53
CA ARG A 333 -18.59 -2.92 23.83
C ARG A 333 -18.70 -4.29 24.49
N ALA A 334 -19.91 -4.86 24.48
CA ALA A 334 -20.16 -6.20 25.02
C ALA A 334 -19.71 -6.39 26.47
N GLY A 335 -20.10 -5.46 27.35
CA GLY A 335 -19.85 -5.59 28.77
C GLY A 335 -18.44 -5.27 29.28
N LYS A 336 -17.46 -5.38 28.38
CA LYS A 336 -16.06 -5.15 28.76
C LYS A 336 -15.79 -3.67 29.08
N THR A 337 -14.88 -3.42 30.02
CA THR A 337 -14.53 -2.07 30.49
C THR A 337 -13.94 -1.18 29.37
N GLY A 338 -14.33 0.09 29.34
CA GLY A 338 -13.77 1.06 28.41
C GLY A 338 -13.21 2.29 29.11
N VAL A 339 -12.22 2.90 28.48
CA VAL A 339 -11.66 4.16 28.95
C VAL A 339 -11.86 5.25 27.89
N ALA A 340 -12.43 6.38 28.32
CA ALA A 340 -12.64 7.50 27.42
C ALA A 340 -11.95 8.69 28.03
N MET A 341 -11.16 9.39 27.21
CA MET A 341 -10.47 10.59 27.66
C MET A 341 -10.72 11.75 26.71
N THR A 342 -11.12 12.87 27.29
CA THR A 342 -11.48 14.03 26.49
C THR A 342 -10.58 15.23 26.84
N PHE A 343 -9.91 15.78 25.81
CA PHE A 343 -9.01 16.93 25.97
C PHE A 343 -9.83 18.21 25.91
N VAL A 344 -9.72 19.05 26.93
CA VAL A 344 -10.52 20.28 27.01
C VAL A 344 -9.61 21.50 27.15
N THR A 345 -9.73 22.46 26.24
CA THR A 345 -9.02 23.71 26.40
C THR A 345 -9.81 24.58 27.41
N PRO A 346 -9.10 25.54 28.05
CA PRO A 346 -9.71 26.41 29.08
C PRO A 346 -11.04 27.00 28.63
N ARG A 347 -11.06 27.58 27.44
CA ARG A 347 -12.24 28.14 26.81
C ARG A 347 -13.36 27.11 26.50
N GLU A 348 -13.12 25.82 26.76
CA GLU A 348 -14.09 24.76 26.43
C GLU A 348 -14.67 24.13 27.69
N ILE A 349 -14.22 24.59 28.86
CA ILE A 349 -14.68 24.04 30.13
C ILE A 349 -16.20 24.07 30.22
N GLY A 350 -16.80 25.15 29.75
CA GLY A 350 -18.25 25.27 29.74
C GLY A 350 -18.89 24.15 28.92
N GLN A 351 -18.36 23.92 27.72
CA GLN A 351 -18.89 22.86 26.84
C GLN A 351 -18.76 21.51 27.53
N LEU A 352 -17.64 21.29 28.20
CA LEU A 352 -17.46 20.05 28.94
C LEU A 352 -18.50 19.90 30.05
N HIS A 353 -18.72 20.96 30.82
CA HIS A 353 -19.73 20.89 31.90
C HIS A 353 -21.14 20.62 31.32
N HIS A 354 -21.46 21.25 30.19
CA HIS A 354 -22.75 21.01 29.54
C HIS A 354 -22.90 19.55 29.14
N ILE A 355 -21.81 18.95 28.64
CA ILE A 355 -21.85 17.54 28.27
C ILE A 355 -22.15 16.67 29.51
N GLU A 356 -21.52 17.00 30.63
CA GLU A 356 -21.75 16.27 31.89
C GLU A 356 -23.19 16.35 32.40
N ARG A 357 -23.76 17.55 32.38
CA ARG A 357 -25.15 17.71 32.82
C ARG A 357 -26.14 16.98 31.91
N THR A 358 -25.78 16.82 30.64
CA THR A 358 -26.68 16.16 29.71
C THR A 358 -26.63 14.64 29.85
N THR A 359 -25.44 14.06 30.01
CA THR A 359 -25.31 12.60 30.16
C THR A 359 -25.61 12.14 31.59
N LYS A 360 -25.63 13.10 32.52
CA LYS A 360 -25.77 12.81 33.95
C LYS A 360 -24.61 11.99 34.49
N ARG A 361 -23.51 11.92 33.76
CA ARG A 361 -22.32 11.25 34.28
C ARG A 361 -21.19 12.24 34.42
N LYS A 362 -20.73 12.42 35.65
CA LYS A 362 -19.62 13.34 35.88
C LYS A 362 -18.30 12.68 35.49
N MET A 363 -17.41 13.45 34.86
CA MET A 363 -16.14 12.88 34.43
C MET A 363 -15.08 13.16 35.49
N GLU A 364 -14.10 12.28 35.57
CA GLU A 364 -13.02 12.51 36.50
C GLU A 364 -11.92 13.31 35.82
N ARG A 365 -11.48 14.39 36.47
CA ARG A 365 -10.36 15.13 35.96
C ARG A 365 -9.09 14.28 36.11
N MET A 366 -8.36 14.12 35.00
CA MET A 366 -7.06 13.45 34.99
C MET A 366 -5.94 14.45 34.75
N LYS A 367 -4.91 14.38 35.58
CA LYS A 367 -3.77 15.29 35.46
C LYS A 367 -2.98 14.92 34.21
N PRO A 368 -2.60 15.91 33.39
CA PRO A 368 -1.80 15.56 32.22
C PRO A 368 -0.45 14.96 32.64
N PRO A 369 -0.08 13.83 32.04
CA PRO A 369 1.20 13.18 32.39
C PRO A 369 2.40 14.06 32.04
N THR A 370 3.46 14.03 32.86
CA THR A 370 4.70 14.70 32.48
C THR A 370 5.51 13.77 31.56
N LEU A 371 6.55 14.31 30.93
CA LEU A 371 7.41 13.47 30.08
C LEU A 371 8.02 12.35 30.95
N ASP A 372 8.47 12.72 32.14
CA ASP A 372 9.03 11.73 33.07
C ASP A 372 8.05 10.59 33.38
N GLU A 373 6.81 10.95 33.74
CA GLU A 373 5.80 9.94 34.01
C GLU A 373 5.63 9.04 32.79
N ALA A 374 5.64 9.63 31.59
CA ALA A 374 5.50 8.83 30.37
C ALA A 374 6.65 7.81 30.22
N LEU A 375 7.87 8.30 30.44
CA LEU A 375 9.09 7.48 30.39
C LEU A 375 9.05 6.36 31.41
N GLU A 376 8.71 6.70 32.66
CA GLU A 376 8.56 5.69 33.70
C GLU A 376 7.51 4.68 33.28
N GLY A 377 6.49 5.16 32.57
CA GLY A 377 5.42 4.30 32.08
C GLY A 377 5.88 3.25 31.08
N GLN A 378 6.67 3.65 30.08
CA GLN A 378 7.17 2.65 29.13
C GLN A 378 8.02 1.62 29.86
N GLN A 379 8.77 2.09 30.85
CA GLN A 379 9.59 1.22 31.67
C GLN A 379 8.76 0.17 32.40
N ARG A 380 7.71 0.59 33.09
CA ARG A 380 6.89 -0.34 33.84
C ARG A 380 6.27 -1.41 32.94
N ILE A 381 5.82 -1.02 31.75
CA ILE A 381 5.26 -1.97 30.79
C ILE A 381 6.27 -3.00 30.26
N ALA A 382 7.45 -2.55 29.85
CA ALA A 382 8.48 -3.44 29.33
C ALA A 382 8.94 -4.43 30.38
N ILE A 383 9.21 -3.94 31.58
CA ILE A 383 9.67 -4.76 32.69
C ILE A 383 8.68 -5.90 32.97
N GLU A 384 7.39 -5.55 32.93
CA GLU A 384 6.33 -6.51 33.27
C GLU A 384 6.05 -7.52 32.15
N LYS A 385 6.12 -7.08 30.90
CA LYS A 385 6.08 -8.01 29.77
C LYS A 385 7.23 -8.98 29.88
N LEU A 386 8.39 -8.47 30.28
CA LEU A 386 9.61 -9.26 30.38
C LEU A 386 9.49 -10.36 31.44
N LEU A 387 8.99 -10.00 32.62
CA LEU A 387 8.76 -10.95 33.69
C LEU A 387 7.80 -12.06 33.23
N ASN A 388 6.77 -11.66 32.50
CA ASN A 388 5.81 -12.64 31.99
C ASN A 388 6.42 -13.66 31.03
N VAL A 389 7.31 -13.19 30.15
CA VAL A 389 8.05 -14.07 29.23
C VAL A 389 8.67 -15.25 29.97
N VAL A 390 9.61 -14.95 30.86
CA VAL A 390 10.28 -15.98 31.66
C VAL A 390 9.28 -16.86 32.44
N GLU A 391 8.31 -16.20 33.06
CA GLU A 391 7.31 -16.91 33.87
C GLU A 391 6.56 -17.98 33.09
N THR A 392 6.21 -17.66 31.84
CA THR A 392 5.28 -18.49 31.08
C THR A 392 5.85 -19.16 29.82
N GLU A 393 7.14 -18.97 29.57
CA GLU A 393 7.81 -19.60 28.42
C GLU A 393 9.32 -19.49 28.49
N PHE A 397 17.18 -22.28 23.59
CA PHE A 397 18.42 -21.92 22.90
C PHE A 397 18.70 -20.42 22.97
N TYR A 398 17.99 -19.74 23.87
CA TYR A 398 18.25 -18.32 24.12
C TYR A 398 19.35 -18.17 25.16
N LYS A 399 19.49 -19.17 26.03
CA LYS A 399 20.36 -19.09 27.20
C LYS A 399 21.86 -19.06 26.89
N ARG A 400 22.28 -19.84 25.90
CA ARG A 400 23.70 -19.90 25.54
C ARG A 400 24.16 -18.56 24.97
N ALA A 401 23.32 -17.98 24.12
CA ALA A 401 23.59 -16.66 23.56
C ALA A 401 23.61 -15.63 24.67
N ALA A 402 22.74 -15.79 25.66
CA ALA A 402 22.80 -14.97 26.86
C ALA A 402 24.12 -15.17 27.61
N GLU A 403 24.57 -16.43 27.72
CA GLU A 403 25.83 -16.75 28.38
C GLU A 403 27.05 -16.11 27.69
N GLU A 404 27.14 -16.28 26.37
CA GLU A 404 28.26 -15.74 25.61
C GLU A 404 28.24 -14.21 25.64
N LEU A 405 27.04 -13.64 25.67
CA LEU A 405 26.89 -12.20 25.74
C LEU A 405 27.33 -11.68 27.11
N LEU A 406 26.93 -12.39 28.16
CA LEU A 406 27.33 -12.06 29.53
C LEU A 406 28.80 -12.34 29.78
N GLU A 407 29.44 -13.10 28.90
CA GLU A 407 30.86 -13.40 29.05
C GLU A 407 31.77 -12.21 28.79
N GLU A 408 31.28 -11.21 28.08
CA GLU A 408 32.14 -10.07 27.71
C GLU A 408 31.61 -8.69 28.11
N HIS A 409 30.48 -8.67 28.82
CA HIS A 409 29.93 -7.41 29.33
C HIS A 409 29.19 -7.61 30.65
N ASP A 410 29.13 -6.56 31.44
CA ASP A 410 28.39 -6.64 32.69
C ASP A 410 26.91 -6.89 32.46
N SER A 411 26.31 -7.66 33.35
CA SER A 411 24.92 -8.08 33.16
C SER A 411 23.97 -6.88 33.28
N VAL A 412 24.35 -5.88 34.07
CA VAL A 412 23.53 -4.69 34.21
C VAL A 412 23.52 -3.93 32.89
N THR A 413 24.72 -3.67 32.36
CA THR A 413 24.87 -3.02 31.06
C THR A 413 24.05 -3.70 29.97
N ILE A 414 24.12 -5.03 29.91
CA ILE A 414 23.36 -5.79 28.93
C ILE A 414 21.85 -5.58 29.09
N VAL A 415 21.34 -5.76 30.31
CA VAL A 415 19.90 -5.64 30.54
C VAL A 415 19.44 -4.21 30.31
N ALA A 416 20.26 -3.24 30.72
CA ALA A 416 19.97 -1.84 30.46
C ALA A 416 19.78 -1.59 28.97
N ALA A 417 20.69 -2.14 28.16
CA ALA A 417 20.59 -1.98 26.71
C ALA A 417 19.37 -2.71 26.15
N CYS A 418 18.99 -3.83 26.77
CA CYS A 418 17.82 -4.57 26.30
C CYS A 418 16.56 -3.77 26.52
N LEU A 419 16.47 -3.16 27.70
CA LEU A 419 15.35 -2.31 28.07
C LEU A 419 15.21 -1.08 27.17
N LYS A 420 16.33 -0.45 26.82
CA LYS A 420 16.33 0.70 25.93
C LYS A 420 15.72 0.34 24.57
N MET A 421 16.14 -0.81 24.03
CA MET A 421 15.61 -1.26 22.74
C MET A 421 14.15 -1.68 22.87
N LEU A 422 13.84 -2.42 23.94
CA LEU A 422 12.49 -2.91 24.15
C LEU A 422 11.51 -1.75 24.28
N GLU A 423 11.91 -0.71 25.00
CA GLU A 423 11.04 0.43 25.26
C GLU A 423 10.84 1.35 24.06
N HIS A 424 11.71 1.23 23.07
CA HIS A 424 11.63 2.05 21.87
C HIS A 424 10.48 1.60 20.95
N HIS A 425 9.83 2.58 20.31
CA HIS A 425 8.71 2.30 19.43
C HIS A 425 9.17 2.00 17.99
N SER B 10 20.69 9.07 -36.73
CA SER B 10 19.53 9.96 -36.84
C SER B 10 19.19 10.60 -35.51
N GLN B 11 18.35 11.64 -35.55
CA GLN B 11 18.07 12.47 -34.39
C GLN B 11 17.32 11.72 -33.28
N GLU B 12 16.24 11.04 -33.65
CA GLU B 12 15.40 10.32 -32.70
C GLU B 12 16.15 9.14 -32.05
N VAL B 13 17.15 8.61 -32.76
CA VAL B 13 17.98 7.55 -32.20
C VAL B 13 19.03 8.16 -31.26
N MET B 14 19.64 9.27 -31.71
CA MET B 14 20.69 9.92 -30.93
C MET B 14 20.15 10.43 -29.59
N LYS B 15 18.94 10.96 -29.58
CA LYS B 15 18.31 11.42 -28.35
C LYS B 15 18.18 10.26 -27.37
N ALA B 16 17.62 9.16 -27.85
CA ALA B 16 17.27 8.04 -26.98
C ALA B 16 18.50 7.41 -26.32
N ILE B 17 19.63 7.44 -27.02
CA ILE B 17 20.84 6.84 -26.48
C ILE B 17 21.65 7.83 -25.64
N GLU B 18 21.57 9.11 -25.98
CA GLU B 18 22.20 10.14 -25.17
C GLU B 18 21.48 10.25 -23.83
N ARG B 19 20.14 10.17 -23.87
CA ARG B 19 19.33 10.18 -22.64
C ARG B 19 19.44 8.88 -21.86
N MET B 20 20.24 7.94 -22.39
CA MET B 20 20.46 6.65 -21.74
C MET B 20 21.82 6.63 -21.05
N GLY B 21 22.66 7.62 -21.35
CA GLY B 21 24.01 7.66 -20.83
C GLY B 21 25.06 7.52 -21.92
N PHE B 22 24.66 6.96 -23.07
CA PHE B 22 25.61 6.69 -24.15
C PHE B 22 26.28 7.98 -24.63
N GLU B 23 27.60 7.96 -24.73
CA GLU B 23 28.33 9.13 -25.16
C GLU B 23 29.51 8.70 -26.01
N GLU B 24 30.49 8.07 -25.38
CA GLU B 24 31.62 7.54 -26.10
C GLU B 24 31.32 6.11 -26.56
N THR B 25 31.73 5.80 -27.78
CA THR B 25 31.57 4.45 -28.31
C THR B 25 32.66 3.53 -27.76
N THR B 26 32.29 2.27 -27.52
CA THR B 26 33.25 1.22 -27.22
C THR B 26 33.82 0.71 -28.55
N PRO B 27 34.99 0.05 -28.52
CA PRO B 27 35.56 -0.46 -29.79
C PRO B 27 34.59 -1.22 -30.70
N ILE B 28 33.90 -2.26 -30.20
CA ILE B 28 32.96 -3.02 -31.02
C ILE B 28 31.90 -2.11 -31.66
N GLN B 29 31.57 -1.01 -30.98
CA GLN B 29 30.56 -0.09 -31.50
C GLN B 29 31.15 0.86 -32.55
N ALA B 30 32.38 1.34 -32.34
CA ALA B 30 32.98 2.26 -33.30
C ALA B 30 33.33 1.55 -34.62
N LYS B 31 33.66 0.27 -34.51
CA LYS B 31 34.03 -0.53 -35.67
C LYS B 31 32.84 -1.18 -36.39
N THR B 32 31.86 -1.70 -35.65
CA THR B 32 30.78 -2.45 -36.32
C THR B 32 29.70 -1.55 -36.92
N ILE B 33 29.23 -0.59 -36.13
CA ILE B 33 28.12 0.28 -36.51
C ILE B 33 28.24 0.98 -37.89
N PRO B 34 29.40 1.59 -38.21
CA PRO B 34 29.50 2.20 -39.54
C PRO B 34 29.32 1.17 -40.67
N LEU B 35 29.90 -0.02 -40.52
CA LEU B 35 29.66 -1.08 -41.51
C LEU B 35 28.17 -1.46 -41.57
N SER B 36 27.54 -1.64 -40.41
CA SER B 36 26.12 -2.03 -40.36
C SER B 36 25.22 -1.01 -41.01
N LEU B 37 25.49 0.26 -40.73
CA LEU B 37 24.72 1.35 -41.30
C LEU B 37 24.94 1.44 -42.81
N GLN B 38 26.03 0.85 -43.30
CA GLN B 38 26.21 0.71 -44.74
C GLN B 38 25.55 -0.55 -45.23
N ASN B 39 24.75 -1.17 -44.36
CA ASN B 39 23.96 -2.35 -44.72
C ASN B 39 24.82 -3.59 -45.03
N LYS B 40 26.03 -3.62 -44.47
CA LYS B 40 26.93 -4.76 -44.67
C LYS B 40 26.72 -5.88 -43.65
N ASP B 41 27.15 -7.08 -44.02
CA ASP B 41 27.13 -8.20 -43.11
C ASP B 41 28.32 -8.08 -42.16
N VAL B 42 28.07 -8.29 -40.86
CA VAL B 42 29.11 -8.05 -39.86
C VAL B 42 29.16 -9.17 -38.83
N ILE B 43 30.37 -9.56 -38.48
CA ILE B 43 30.60 -10.59 -37.48
C ILE B 43 31.34 -9.95 -36.33
N GLY B 44 30.62 -9.73 -35.23
CA GLY B 44 31.21 -9.12 -34.05
C GLY B 44 31.68 -10.20 -33.12
N GLN B 45 32.99 -10.39 -33.04
CA GLN B 45 33.51 -11.32 -32.05
C GLN B 45 33.92 -10.50 -30.84
N ALA B 46 33.10 -10.59 -29.80
CA ALA B 46 33.29 -9.81 -28.59
C ALA B 46 32.52 -10.53 -27.50
N GLN B 47 33.08 -10.56 -26.30
CA GLN B 47 32.32 -11.08 -25.17
C GLN B 47 31.42 -9.97 -24.65
N THR B 48 30.57 -10.33 -23.69
CA THR B 48 29.60 -9.39 -23.15
C THR B 48 30.28 -8.34 -22.28
N GLY B 49 29.65 -7.18 -22.13
CA GLY B 49 30.23 -6.10 -21.35
C GLY B 49 31.03 -5.14 -22.22
N THR B 50 31.01 -5.38 -23.53
CA THR B 50 31.72 -4.52 -24.49
C THR B 50 30.78 -3.59 -25.21
N GLY B 51 29.47 -3.75 -24.97
CA GLY B 51 28.47 -2.92 -25.64
C GLY B 51 28.07 -3.48 -27.00
N LYS B 52 28.31 -4.77 -27.21
CA LYS B 52 27.97 -5.41 -28.48
C LYS B 52 26.45 -5.36 -28.72
N THR B 53 25.66 -5.40 -27.65
CA THR B 53 24.20 -5.37 -27.81
C THR B 53 23.73 -4.08 -28.48
N ALA B 54 24.19 -2.92 -28.01
CA ALA B 54 23.85 -1.68 -28.69
C ALA B 54 24.48 -1.67 -30.09
N ALA B 55 25.65 -2.31 -30.22
CA ALA B 55 26.30 -2.34 -31.54
C ALA B 55 25.33 -2.84 -32.58
N PHE B 56 24.47 -3.81 -32.25
CA PHE B 56 23.50 -4.29 -33.24
C PHE B 56 22.12 -3.67 -33.08
N GLY B 57 21.82 -3.22 -31.86
CA GLY B 57 20.53 -2.61 -31.59
C GLY B 57 20.35 -1.27 -32.25
N ILE B 58 21.39 -0.44 -32.21
CA ILE B 58 21.35 0.86 -32.89
C ILE B 58 21.00 0.72 -34.39
N PRO B 59 21.79 -0.08 -35.15
CA PRO B 59 21.48 -0.14 -36.60
C PRO B 59 20.09 -0.67 -36.92
N ILE B 60 19.66 -1.72 -36.23
CA ILE B 60 18.29 -2.22 -36.43
C ILE B 60 17.26 -1.10 -36.27
N VAL B 61 17.33 -0.40 -35.13
CA VAL B 61 16.39 0.67 -34.81
C VAL B 61 16.42 1.77 -35.89
N GLU B 62 17.64 2.17 -36.27
CA GLU B 62 17.85 3.18 -37.31
C GLU B 62 17.32 2.72 -38.68
N LYS B 63 17.13 1.42 -38.83
CA LYS B 63 16.80 0.87 -40.14
C LYS B 63 15.29 0.63 -40.23
N VAL B 64 14.63 0.60 -39.08
CA VAL B 64 13.19 0.35 -39.05
C VAL B 64 12.35 1.53 -39.58
N ASP B 65 11.36 1.22 -40.40
CA ASP B 65 10.36 2.19 -40.81
C ASP B 65 9.10 2.00 -39.95
N VAL B 66 8.95 2.83 -38.92
CA VAL B 66 7.86 2.69 -37.96
C VAL B 66 6.45 2.73 -38.58
N LYS B 67 6.34 3.28 -39.79
CA LYS B 67 5.06 3.34 -40.51
C LYS B 67 4.74 2.02 -41.22
N ASN B 68 5.73 1.16 -41.34
CA ASN B 68 5.53 -0.19 -41.86
C ASN B 68 5.18 -1.08 -40.67
N GLY B 69 4.04 -1.76 -40.76
CA GLY B 69 3.58 -2.58 -39.66
C GLY B 69 4.08 -4.01 -39.72
N ALA B 70 4.91 -4.33 -40.72
CA ALA B 70 5.48 -5.67 -40.85
C ALA B 70 6.74 -5.84 -39.99
N ILE B 71 7.01 -7.06 -39.55
CA ILE B 71 8.27 -7.45 -38.92
C ILE B 71 9.42 -7.13 -39.86
N GLN B 72 10.34 -6.26 -39.41
CA GLN B 72 11.42 -5.81 -40.27
C GLN B 72 12.82 -6.30 -39.85
N ALA B 73 12.92 -6.88 -38.65
CA ALA B 73 14.19 -7.36 -38.13
C ALA B 73 13.97 -8.54 -37.19
N LEU B 74 14.84 -9.53 -37.28
CA LEU B 74 14.76 -10.69 -36.43
C LEU B 74 16.08 -10.83 -35.66
N VAL B 75 15.99 -10.90 -34.34
CA VAL B 75 17.15 -11.22 -33.52
C VAL B 75 16.93 -12.61 -32.94
N VAL B 76 17.87 -13.52 -33.19
CA VAL B 76 17.75 -14.88 -32.67
C VAL B 76 18.74 -15.09 -31.53
N ALA B 77 18.22 -15.63 -30.42
CA ALA B 77 18.96 -15.70 -29.17
C ALA B 77 18.73 -17.09 -28.56
N PRO B 78 19.74 -17.58 -27.82
CA PRO B 78 19.78 -18.95 -27.28
C PRO B 78 18.75 -19.24 -26.17
N THR B 79 18.44 -18.23 -25.38
CA THR B 79 17.59 -18.43 -24.20
C THR B 79 16.53 -17.35 -24.00
N ARG B 80 15.48 -17.70 -23.26
CA ARG B 80 14.48 -16.71 -22.90
C ARG B 80 15.09 -15.54 -22.13
N GLU B 81 16.01 -15.83 -21.20
CA GLU B 81 16.67 -14.78 -20.42
C GLU B 81 17.35 -13.77 -21.33
N LEU B 82 18.11 -14.25 -22.32
CA LEU B 82 18.77 -13.32 -23.22
C LEU B 82 17.76 -12.61 -24.11
N ALA B 83 16.72 -13.32 -24.54
CA ALA B 83 15.73 -12.69 -25.41
C ALA B 83 15.08 -11.49 -24.71
N ILE B 84 14.77 -11.66 -23.43
CA ILE B 84 14.20 -10.57 -22.63
C ILE B 84 15.18 -9.42 -22.44
N GLN B 85 16.41 -9.74 -22.03
CA GLN B 85 17.40 -8.69 -21.81
C GLN B 85 17.63 -7.85 -23.09
N VAL B 86 17.80 -8.53 -24.22
CA VAL B 86 18.03 -7.85 -25.49
C VAL B 86 16.81 -7.04 -25.92
N SER B 87 15.62 -7.61 -25.79
CA SER B 87 14.36 -6.87 -26.07
C SER B 87 14.27 -5.58 -25.29
N GLU B 88 14.70 -5.66 -24.04
CA GLU B 88 14.60 -4.54 -23.12
C GLU B 88 15.56 -3.44 -23.53
N GLU B 89 16.78 -3.79 -23.95
CA GLU B 89 17.73 -2.78 -24.40
C GLU B 89 17.34 -2.19 -25.77
N LEU B 90 16.83 -3.04 -26.68
CA LEU B 90 16.45 -2.55 -28.00
C LEU B 90 15.25 -1.63 -27.88
N TYR B 91 14.29 -2.02 -27.04
CA TYR B 91 13.15 -1.14 -26.76
C TYR B 91 13.62 0.27 -26.34
N LYS B 92 14.46 0.36 -25.31
CA LYS B 92 14.97 1.67 -24.84
C LYS B 92 15.66 2.45 -25.96
N ILE B 93 16.49 1.75 -26.73
CA ILE B 93 17.20 2.36 -27.84
C ILE B 93 16.24 2.99 -28.85
N GLY B 94 15.04 2.42 -28.98
CA GLY B 94 14.09 2.92 -29.95
C GLY B 94 12.85 3.53 -29.32
N ALA B 95 12.97 3.91 -28.04
CA ALA B 95 11.82 4.45 -27.31
C ALA B 95 11.26 5.74 -27.94
N VAL B 96 12.16 6.61 -28.37
CA VAL B 96 11.74 7.90 -28.95
C VAL B 96 11.18 7.76 -30.36
N LYS B 97 11.87 6.99 -31.20
CA LYS B 97 11.42 6.72 -32.55
C LYS B 97 10.15 5.87 -32.51
N ARG B 98 9.85 5.33 -31.33
CA ARG B 98 8.69 4.44 -31.12
C ARG B 98 8.78 3.14 -31.92
N VAL B 99 9.87 2.40 -31.74
CA VAL B 99 10.05 1.11 -32.43
C VAL B 99 9.52 -0.02 -31.55
N ARG B 100 8.61 -0.83 -32.11
CA ARG B 100 7.95 -1.89 -31.33
C ARG B 100 8.71 -3.21 -31.40
N VAL B 101 9.08 -3.69 -30.21
CA VAL B 101 9.89 -4.90 -30.02
C VAL B 101 9.12 -5.94 -29.24
N LEU B 102 9.10 -7.18 -29.74
CA LEU B 102 8.40 -8.27 -29.08
C LEU B 102 9.33 -9.46 -28.91
N PRO B 103 9.48 -9.94 -27.67
CA PRO B 103 10.30 -11.12 -27.41
C PRO B 103 9.48 -12.40 -27.62
N ILE B 104 10.13 -13.51 -27.99
CA ILE B 104 9.41 -14.73 -28.36
C ILE B 104 10.22 -15.97 -28.00
N TYR B 105 9.78 -16.72 -27.00
CA TYR B 105 10.62 -17.77 -26.44
C TYR B 105 9.80 -18.95 -25.93
N GLY B 106 10.46 -20.09 -25.71
CA GLY B 106 9.80 -21.28 -25.23
C GLY B 106 9.23 -21.10 -23.84
N GLY B 107 8.52 -22.10 -23.33
CA GLY B 107 8.08 -22.12 -21.95
C GLY B 107 6.85 -21.26 -21.63
N GLN B 108 6.53 -20.34 -22.53
CA GLN B 108 5.39 -19.43 -22.36
C GLN B 108 4.26 -19.90 -23.27
N ASP B 109 3.01 -19.73 -22.84
CA ASP B 109 1.84 -20.15 -23.64
C ASP B 109 1.88 -19.50 -25.03
N ILE B 110 1.93 -20.31 -26.08
CA ILE B 110 2.06 -19.79 -27.44
C ILE B 110 0.90 -18.84 -27.83
N GLU B 111 -0.30 -19.13 -27.32
CA GLU B 111 -1.48 -18.33 -27.63
C GLU B 111 -1.34 -16.85 -27.25
N ARG B 112 -0.69 -16.57 -26.12
CA ARG B 112 -0.38 -15.19 -25.75
C ARG B 112 0.57 -14.53 -26.75
N GLN B 113 1.53 -15.31 -27.27
CA GLN B 113 2.47 -14.78 -28.25
C GLN B 113 1.75 -14.55 -29.58
N ILE B 114 0.89 -15.51 -29.96
CA ILE B 114 0.06 -15.34 -31.14
C ILE B 114 -0.77 -14.05 -31.05
N ARG B 115 -1.32 -13.80 -29.87
CA ARG B 115 -1.99 -12.53 -29.60
C ARG B 115 -1.04 -11.35 -29.86
N ALA B 116 0.04 -11.26 -29.10
CA ALA B 116 1.02 -10.18 -29.26
C ALA B 116 1.44 -9.97 -30.72
N LEU B 117 1.62 -11.07 -31.46
CA LEU B 117 1.96 -10.98 -32.88
C LEU B 117 0.95 -10.21 -33.74
N LYS B 118 -0.26 -10.00 -33.22
CA LYS B 118 -1.30 -9.27 -33.94
C LYS B 118 -1.03 -7.76 -33.92
N LYS B 119 -0.35 -7.30 -32.87
CA LYS B 119 -0.13 -5.88 -32.62
C LYS B 119 1.02 -5.26 -33.44
N HIS B 120 1.45 -5.97 -34.48
CA HIS B 120 2.44 -5.45 -35.42
C HIS B 120 3.76 -4.98 -34.80
N PRO B 121 4.57 -5.93 -34.28
CA PRO B 121 5.91 -5.57 -33.81
C PRO B 121 6.82 -5.30 -35.01
N HIS B 122 7.73 -4.34 -34.88
CA HIS B 122 8.76 -4.09 -35.89
C HIS B 122 9.93 -5.08 -35.76
N VAL B 123 10.26 -5.44 -34.53
CA VAL B 123 11.40 -6.30 -34.24
C VAL B 123 11.00 -7.49 -33.38
N ILE B 124 11.37 -8.69 -33.80
CA ILE B 124 11.24 -9.88 -32.96
C ILE B 124 12.61 -10.26 -32.38
N VAL B 125 12.66 -10.50 -31.06
CA VAL B 125 13.83 -11.10 -30.43
C VAL B 125 13.40 -12.45 -29.85
N GLY B 126 13.94 -13.53 -30.38
CA GLY B 126 13.44 -14.84 -30.01
C GLY B 126 14.40 -16.02 -30.00
N THR B 127 13.88 -17.14 -29.54
CA THR B 127 14.66 -18.36 -29.43
C THR B 127 14.29 -19.25 -30.62
N PRO B 128 15.24 -20.08 -31.06
CA PRO B 128 15.10 -20.64 -32.41
C PRO B 128 13.96 -21.65 -32.53
N GLY B 129 13.74 -22.48 -31.50
CA GLY B 129 12.69 -23.49 -31.54
C GLY B 129 11.30 -22.87 -31.61
N ARG B 130 11.10 -21.82 -30.80
CA ARG B 130 9.82 -21.13 -30.73
C ARG B 130 9.56 -20.24 -31.96
N ILE B 131 10.63 -19.71 -32.55
CA ILE B 131 10.49 -18.93 -33.77
C ILE B 131 9.98 -19.79 -34.94
N ILE B 132 10.58 -20.97 -35.16
CA ILE B 132 10.13 -21.83 -36.27
C ILE B 132 8.73 -22.39 -36.02
N ASP B 133 8.37 -22.56 -34.75
CA ASP B 133 7.01 -22.97 -34.42
C ASP B 133 6.04 -21.95 -35.06
N HIS B 134 6.26 -20.68 -34.75
CA HIS B 134 5.45 -19.60 -35.29
C HIS B 134 5.56 -19.49 -36.82
N ILE B 135 6.72 -19.82 -37.37
CA ILE B 135 6.90 -19.84 -38.82
C ILE B 135 5.99 -20.89 -39.45
N ASN B 136 6.06 -22.12 -38.95
CA ASN B 136 5.23 -23.21 -39.45
C ASN B 136 3.73 -22.93 -39.36
N ARG B 137 3.30 -22.34 -38.25
CA ARG B 137 1.90 -21.94 -38.04
C ARG B 137 1.48 -20.76 -38.93
N GLY B 138 2.44 -19.96 -39.40
CA GLY B 138 2.11 -18.78 -40.18
C GLY B 138 1.74 -17.58 -39.31
N THR B 139 2.01 -17.69 -38.01
CA THR B 139 1.80 -16.57 -37.10
C THR B 139 2.96 -15.57 -37.17
N LEU B 140 4.16 -16.02 -37.53
CA LEU B 140 5.29 -15.13 -37.80
C LEU B 140 5.48 -14.93 -39.31
N ARG B 141 5.39 -13.69 -39.77
CA ARG B 141 5.62 -13.41 -41.19
C ARG B 141 6.96 -12.73 -41.42
N LEU B 142 7.84 -13.38 -42.15
CA LEU B 142 9.20 -12.86 -42.36
C LEU B 142 9.44 -12.27 -43.73
N GLU B 143 8.40 -12.20 -44.57
CA GLU B 143 8.55 -11.72 -45.94
C GLU B 143 9.19 -10.34 -46.04
N HIS B 144 9.05 -9.56 -44.97
CA HIS B 144 9.59 -8.20 -44.94
C HIS B 144 10.83 -8.05 -44.05
N VAL B 145 11.34 -9.16 -43.52
CA VAL B 145 12.54 -9.09 -42.68
C VAL B 145 13.76 -8.87 -43.56
N HIS B 146 14.48 -7.77 -43.34
CA HIS B 146 15.72 -7.55 -44.10
C HIS B 146 16.96 -7.36 -43.24
N THR B 147 16.81 -7.68 -41.95
CA THR B 147 17.94 -7.75 -41.02
C THR B 147 17.73 -8.96 -40.12
N VAL B 148 18.74 -9.84 -40.06
CA VAL B 148 18.74 -10.94 -39.11
C VAL B 148 20.00 -10.89 -38.28
N VAL B 149 19.83 -10.96 -36.95
CA VAL B 149 20.96 -11.03 -36.04
C VAL B 149 20.98 -12.36 -35.34
N LEU B 150 22.13 -13.01 -35.36
CA LEU B 150 22.32 -14.22 -34.57
C LEU B 150 23.17 -13.79 -33.37
N ASP B 151 22.57 -13.79 -32.19
CA ASP B 151 23.26 -13.24 -31.02
C ASP B 151 23.71 -14.37 -30.09
N GLU B 152 24.92 -14.23 -29.54
CA GLU B 152 25.52 -15.26 -28.67
C GLU B 152 25.50 -16.58 -29.42
N ALA B 153 25.87 -16.51 -30.70
CA ALA B 153 25.77 -17.66 -31.61
C ALA B 153 26.46 -18.92 -31.12
N ASP B 154 27.59 -18.77 -30.44
CA ASP B 154 28.30 -19.97 -29.94
C ASP B 154 27.43 -20.76 -28.95
N GLU B 155 26.65 -20.06 -28.13
CA GLU B 155 25.75 -20.76 -27.19
C GLU B 155 24.58 -21.43 -27.90
N MET B 156 24.14 -20.88 -29.02
CA MET B 156 23.05 -21.48 -29.76
C MET B 156 23.48 -22.79 -30.41
N LEU B 157 24.72 -22.87 -30.85
CA LEU B 157 25.26 -24.13 -31.41
C LEU B 157 25.46 -25.15 -30.29
N ASN B 158 25.98 -24.71 -29.14
CA ASN B 158 26.09 -25.59 -27.98
C ASN B 158 24.77 -26.25 -27.59
N MET B 159 23.67 -25.51 -27.73
CA MET B 159 22.37 -25.98 -27.26
C MET B 159 21.64 -26.80 -28.33
N GLY B 160 22.33 -27.03 -29.45
CA GLY B 160 21.80 -27.85 -30.53
C GLY B 160 20.76 -27.17 -31.42
N PHE B 161 20.88 -25.87 -31.64
CA PHE B 161 19.85 -25.12 -32.37
C PHE B 161 20.13 -24.94 -33.88
N ILE B 162 21.21 -25.56 -34.36
CA ILE B 162 21.66 -25.30 -35.74
C ILE B 162 20.62 -25.58 -36.85
N GLU B 163 19.90 -26.68 -36.76
CA GLU B 163 18.90 -26.96 -37.78
C GLU B 163 17.77 -25.93 -37.74
N ASP B 164 17.38 -25.50 -36.54
CA ASP B 164 16.38 -24.45 -36.42
C ASP B 164 16.86 -23.13 -37.02
N ILE B 165 18.11 -22.76 -36.74
CA ILE B 165 18.66 -21.51 -37.26
C ILE B 165 18.70 -21.52 -38.80
N GLU B 166 19.15 -22.63 -39.37
CA GLU B 166 19.15 -22.80 -40.82
C GLU B 166 17.75 -22.79 -41.40
N ALA B 167 16.82 -23.50 -40.77
CA ALA B 167 15.44 -23.47 -41.23
C ALA B 167 14.94 -22.03 -41.25
N ILE B 168 15.20 -21.28 -40.17
CA ILE B 168 14.78 -19.88 -40.05
C ILE B 168 15.33 -19.04 -41.19
N LEU B 169 16.60 -19.22 -41.49
CA LEU B 169 17.20 -18.47 -42.59
C LEU B 169 16.49 -18.73 -43.95
N SER B 170 15.94 -19.94 -44.13
CA SER B 170 15.24 -20.32 -45.36
C SER B 170 13.91 -19.57 -45.60
N HIS B 171 13.27 -19.09 -44.54
CA HIS B 171 12.04 -18.34 -44.74
C HIS B 171 12.30 -16.84 -44.83
N VAL B 172 13.48 -16.42 -44.39
CA VAL B 172 13.85 -15.02 -44.49
C VAL B 172 14.24 -14.73 -45.93
N PRO B 173 13.82 -13.57 -46.46
CA PRO B 173 14.17 -13.15 -47.82
C PRO B 173 15.66 -13.31 -48.09
N ALA B 174 16.01 -13.75 -49.30
CA ALA B 174 17.42 -13.94 -49.69
C ALA B 174 18.17 -12.62 -49.70
N GLU B 175 17.44 -11.54 -49.96
CA GLU B 175 17.98 -10.20 -49.92
C GLU B 175 17.88 -9.68 -48.49
N ARG B 176 18.97 -9.80 -47.72
CA ARG B 176 18.97 -9.36 -46.32
C ARG B 176 20.37 -9.14 -45.75
N GLN B 177 20.43 -8.25 -44.76
CA GLN B 177 21.64 -8.04 -43.99
C GLN B 177 21.68 -9.09 -42.88
N THR B 178 22.87 -9.64 -42.62
CA THR B 178 23.02 -10.58 -41.51
C THR B 178 24.17 -10.15 -40.60
N LEU B 179 23.91 -10.15 -39.29
CA LEU B 179 24.92 -9.81 -38.28
C LEU B 179 25.08 -11.01 -37.35
N LEU B 180 26.31 -11.35 -37.02
CA LEU B 180 26.55 -12.48 -36.14
C LEU B 180 27.47 -12.04 -35.01
N PHE B 181 27.00 -12.21 -33.79
CA PHE B 181 27.80 -11.86 -32.63
C PHE B 181 28.03 -13.10 -31.80
N SER B 182 29.29 -13.30 -31.42
CA SER B 182 29.68 -14.47 -30.64
C SER B 182 31.01 -14.17 -29.94
N ALA B 183 31.21 -14.72 -28.76
CA ALA B 183 32.48 -14.58 -28.05
C ALA B 183 33.54 -15.42 -28.74
N THR B 184 33.16 -16.65 -29.06
CA THR B 184 34.06 -17.57 -29.76
C THR B 184 33.55 -17.85 -31.17
N MET B 185 34.43 -18.41 -31.99
CA MET B 185 34.10 -18.73 -33.36
C MET B 185 34.61 -20.14 -33.67
N PRO B 186 33.91 -21.16 -33.17
CA PRO B 186 34.23 -22.54 -33.53
C PRO B 186 33.76 -22.83 -34.95
N ASP B 187 34.29 -23.90 -35.54
CA ASP B 187 34.02 -24.23 -36.95
C ASP B 187 32.53 -24.23 -37.38
N PRO B 188 31.62 -24.73 -36.53
CA PRO B 188 30.22 -24.64 -36.99
C PRO B 188 29.71 -23.20 -37.16
N ILE B 189 30.19 -22.27 -36.34
CA ILE B 189 29.83 -20.85 -36.52
C ILE B 189 30.47 -20.26 -37.79
N ARG B 190 31.77 -20.51 -37.99
CA ARG B 190 32.42 -20.12 -39.24
C ARG B 190 31.63 -20.61 -40.46
N ARG B 191 31.27 -21.90 -40.45
CA ARG B 191 30.56 -22.51 -41.57
C ARG B 191 29.21 -21.86 -41.82
N ILE B 192 28.49 -21.58 -40.74
CA ILE B 192 27.23 -20.86 -40.86
C ILE B 192 27.47 -19.47 -41.46
N ALA B 193 28.48 -18.77 -40.94
CA ALA B 193 28.82 -17.47 -41.49
C ALA B 193 29.21 -17.56 -42.97
N GLU B 194 30.03 -18.56 -43.29
CA GLU B 194 30.49 -18.84 -44.66
C GLU B 194 29.34 -19.19 -45.59
N ARG B 195 28.35 -19.92 -45.08
CA ARG B 195 27.25 -20.37 -45.93
C ARG B 195 26.15 -19.32 -46.07
N PHE B 196 25.86 -18.61 -44.97
CA PHE B 196 24.65 -17.78 -44.94
C PHE B 196 24.91 -16.28 -45.02
N MET B 197 26.17 -15.85 -44.93
CA MET B 197 26.46 -14.41 -44.95
C MET B 197 27.13 -13.92 -46.24
N ASN B 198 26.85 -12.68 -46.60
CA ASN B 198 27.40 -12.09 -47.81
C ASN B 198 28.54 -11.16 -47.47
N GLU B 199 29.75 -11.52 -47.87
CA GLU B 199 30.93 -10.68 -47.65
C GLU B 199 31.07 -10.21 -46.19
N PRO B 200 30.93 -11.13 -45.22
CA PRO B 200 30.91 -10.65 -43.83
C PRO B 200 32.23 -10.01 -43.41
N GLU B 201 32.10 -8.87 -42.73
CA GLU B 201 33.24 -8.19 -42.12
C GLU B 201 33.48 -8.76 -40.71
N LEU B 202 34.68 -9.27 -40.47
CA LEU B 202 35.05 -9.68 -39.12
C LEU B 202 35.56 -8.50 -38.29
N VAL B 203 34.95 -8.28 -37.12
CA VAL B 203 35.50 -7.36 -36.13
C VAL B 203 35.78 -8.06 -34.79
N LYS B 204 37.06 -8.24 -34.48
CA LYS B 204 37.48 -8.88 -33.24
C LYS B 204 37.88 -7.87 -32.18
N VAL B 205 37.35 -8.07 -30.98
CA VAL B 205 37.77 -7.33 -29.80
C VAL B 205 38.34 -8.30 -28.77
N LYS B 206 39.60 -8.10 -28.37
CA LYS B 206 40.19 -8.91 -27.32
C LYS B 206 39.73 -8.42 -25.95
N PRO B 213 33.99 -9.20 -11.17
CA PRO B 213 34.98 -8.21 -10.72
C PRO B 213 34.52 -7.53 -9.44
N ASN B 214 35.28 -7.68 -8.36
CA ASN B 214 34.88 -7.29 -6.99
C ASN B 214 33.43 -7.63 -6.60
N ILE B 215 32.90 -8.69 -7.23
CA ILE B 215 31.67 -9.29 -6.78
C ILE B 215 32.02 -10.68 -6.27
N GLN B 216 31.61 -10.99 -5.04
CA GLN B 216 31.88 -12.31 -4.50
C GLN B 216 30.83 -13.23 -5.08
N GLN B 217 31.26 -14.25 -5.81
CA GLN B 217 30.33 -15.13 -6.50
C GLN B 217 30.24 -16.46 -5.80
N TYR B 218 29.01 -16.86 -5.47
CA TYR B 218 28.77 -18.15 -4.84
C TYR B 218 27.73 -18.92 -5.60
N TYR B 219 27.71 -20.23 -5.39
CA TYR B 219 26.57 -21.03 -5.82
C TYR B 219 26.21 -22.01 -4.71
N LEU B 220 24.96 -22.45 -4.70
CA LEU B 220 24.51 -23.49 -3.80
C LEU B 220 23.83 -24.56 -4.62
N GLU B 221 24.20 -25.80 -4.37
CA GLU B 221 23.54 -26.93 -5.02
C GLU B 221 22.34 -27.30 -4.15
N VAL B 222 21.13 -27.09 -4.69
CA VAL B 222 19.89 -27.15 -3.94
C VAL B 222 18.83 -27.78 -4.84
N HIS B 223 18.02 -28.67 -4.28
CA HIS B 223 16.89 -29.23 -5.03
C HIS B 223 15.81 -28.17 -5.22
N GLU B 224 15.13 -28.21 -6.35
CA GLU B 224 14.03 -27.28 -6.66
C GLU B 224 13.05 -27.04 -5.50
N LYS B 225 12.56 -28.13 -4.93
CA LYS B 225 11.59 -28.07 -3.83
C LYS B 225 12.14 -27.34 -2.59
N LYS B 226 13.46 -27.29 -2.44
CA LYS B 226 14.09 -26.70 -1.25
C LYS B 226 14.61 -25.27 -1.48
N LYS B 227 14.55 -24.79 -2.71
CA LYS B 227 15.09 -23.48 -3.06
C LYS B 227 14.51 -22.35 -2.21
N PHE B 228 13.19 -22.34 -2.03
CA PHE B 228 12.57 -21.25 -1.30
C PHE B 228 13.03 -21.16 0.16
N ASP B 229 13.04 -22.29 0.87
CA ASP B 229 13.55 -22.26 2.24
C ASP B 229 15.02 -21.84 2.30
N ILE B 230 15.83 -22.24 1.32
CA ILE B 230 17.23 -21.81 1.35
C ILE B 230 17.29 -20.30 1.17
N LEU B 231 16.47 -19.78 0.24
CA LEU B 231 16.44 -18.36 -0.02
C LEU B 231 16.16 -17.59 1.27
N THR B 232 15.07 -17.91 1.96
CA THR B 232 14.72 -17.21 3.19
C THR B 232 15.76 -17.40 4.30
N ARG B 233 16.34 -18.59 4.42
CA ARG B 233 17.39 -18.74 5.43
C ARG B 233 18.57 -17.82 5.14
N LEU B 234 18.94 -17.73 3.85
CA LEU B 234 19.98 -16.80 3.42
C LEU B 234 19.61 -15.36 3.78
N LEU B 235 18.35 -14.99 3.55
CA LEU B 235 17.90 -13.64 3.87
C LEU B 235 18.03 -13.38 5.36
N ASP B 236 17.66 -14.36 6.18
CA ASP B 236 17.74 -14.20 7.64
C ASP B 236 19.19 -14.00 8.06
N ILE B 237 20.11 -14.73 7.44
CA ILE B 237 21.52 -14.66 7.85
C ILE B 237 22.20 -13.39 7.35
N GLN B 238 22.01 -13.07 6.06
CA GLN B 238 22.72 -11.98 5.44
C GLN B 238 22.02 -10.63 5.66
N ALA B 239 20.71 -10.67 5.92
CA ALA B 239 19.88 -9.47 6.04
C ALA B 239 20.34 -8.36 5.08
N PRO B 240 20.23 -8.63 3.76
CA PRO B 240 20.76 -7.66 2.80
C PRO B 240 19.94 -6.38 2.84
N GLU B 241 20.62 -5.25 2.74
CA GLU B 241 19.92 -3.98 2.73
C GLU B 241 19.02 -3.86 1.50
N LEU B 242 19.59 -4.19 0.33
CA LEU B 242 18.86 -4.14 -0.96
C LEU B 242 19.27 -5.36 -1.79
N ALA B 243 18.30 -6.21 -2.12
CA ALA B 243 18.59 -7.48 -2.79
C ALA B 243 17.74 -7.62 -4.03
N ILE B 244 18.28 -8.23 -5.06
CA ILE B 244 17.45 -8.65 -6.20
C ILE B 244 17.45 -10.16 -6.27
N VAL B 245 16.26 -10.75 -6.41
CA VAL B 245 16.10 -12.18 -6.60
C VAL B 245 15.57 -12.41 -8.02
N PHE B 246 16.37 -13.02 -8.89
CA PHE B 246 15.95 -13.25 -10.26
C PHE B 246 15.21 -14.57 -10.40
N GLY B 247 14.06 -14.54 -11.07
CA GLY B 247 13.27 -15.72 -11.32
C GLY B 247 13.03 -15.89 -12.81
N ARG B 248 12.72 -17.11 -13.23
CA ARG B 248 12.71 -17.47 -14.65
C ARG B 248 11.44 -17.05 -15.41
N THR B 249 10.29 -17.08 -14.74
CA THR B 249 9.05 -16.72 -15.42
C THR B 249 8.29 -15.72 -14.58
N LYS B 250 7.40 -14.97 -15.23
CA LYS B 250 6.48 -14.05 -14.54
C LYS B 250 5.78 -14.72 -13.35
N ARG B 251 5.32 -15.95 -13.57
CA ARG B 251 4.53 -16.64 -12.58
C ARG B 251 5.38 -16.97 -11.33
N ARG B 252 6.60 -17.46 -11.55
CA ARG B 252 7.48 -17.79 -10.43
C ARG B 252 7.93 -16.54 -9.69
N VAL B 253 8.03 -15.42 -10.42
CA VAL B 253 8.40 -14.17 -9.81
C VAL B 253 7.29 -13.65 -8.88
N ASP B 254 6.04 -13.65 -9.34
CA ASP B 254 4.89 -13.23 -8.52
C ASP B 254 4.68 -14.13 -7.30
N GLU B 255 4.76 -15.44 -7.52
CA GLU B 255 4.64 -16.39 -6.42
C GLU B 255 5.77 -16.25 -5.40
N LEU B 256 6.99 -16.00 -5.88
CA LEU B 256 8.13 -15.81 -4.99
C LEU B 256 7.92 -14.54 -4.19
N ALA B 257 7.46 -13.48 -4.86
CA ALA B 257 7.16 -12.23 -4.17
C ALA B 257 6.06 -12.44 -3.10
N GLU B 258 5.03 -13.22 -3.44
CA GLU B 258 3.89 -13.45 -2.55
C GLU B 258 4.35 -14.28 -1.34
N ALA B 259 5.05 -15.37 -1.62
CA ALA B 259 5.52 -16.25 -0.56
C ALA B 259 6.50 -15.54 0.36
N LEU B 260 7.29 -14.61 -0.17
CA LEU B 260 8.21 -13.85 0.65
C LEU B 260 7.45 -12.91 1.59
N ASN B 261 6.44 -12.22 1.05
CA ASN B 261 5.60 -11.34 1.86
C ASN B 261 4.91 -12.11 2.98
N LEU B 262 4.36 -13.27 2.66
CA LEU B 262 3.67 -14.09 3.66
C LEU B 262 4.60 -14.47 4.82
N ARG B 263 5.91 -14.53 4.55
CA ARG B 263 6.93 -14.85 5.55
C ARG B 263 7.42 -13.61 6.29
N GLY B 264 6.87 -12.44 5.94
CA GLY B 264 7.24 -11.22 6.63
C GLY B 264 8.36 -10.39 5.99
N TYR B 265 8.87 -10.80 4.83
CA TYR B 265 9.88 -9.98 4.15
C TYR B 265 9.19 -8.88 3.33
N ALA B 266 9.82 -7.73 3.21
CA ALA B 266 9.24 -6.68 2.38
C ALA B 266 9.79 -6.85 0.94
N ALA B 267 8.95 -7.39 0.07
CA ALA B 267 9.35 -7.69 -1.30
C ALA B 267 8.26 -7.31 -2.30
N GLU B 268 8.65 -7.06 -3.54
CA GLU B 268 7.69 -6.83 -4.63
C GLU B 268 8.23 -7.44 -5.92
N GLY B 269 7.32 -7.92 -6.78
CA GLY B 269 7.71 -8.52 -8.05
C GLY B 269 7.74 -7.53 -9.22
N ILE B 270 8.69 -7.69 -10.13
CA ILE B 270 8.67 -6.91 -11.37
C ILE B 270 8.90 -7.79 -12.58
N HIS B 271 8.14 -7.51 -13.65
CA HIS B 271 8.26 -8.24 -14.91
C HIS B 271 7.50 -7.52 -16.03
N GLY B 272 7.56 -8.08 -17.24
CA GLY B 272 6.85 -7.50 -18.37
C GLY B 272 5.34 -7.62 -18.16
N ASP B 273 4.57 -6.79 -18.86
CA ASP B 273 3.10 -6.82 -18.80
C ASP B 273 2.50 -6.30 -17.50
N LEU B 274 3.20 -5.36 -16.86
CA LEU B 274 2.68 -4.73 -15.66
C LEU B 274 1.83 -3.51 -16.03
N SER B 275 2.21 -2.35 -15.53
CA SER B 275 1.59 -1.08 -15.95
C SER B 275 2.61 -0.02 -15.62
N GLN B 276 2.54 1.12 -16.29
CA GLN B 276 3.50 2.19 -16.03
C GLN B 276 3.55 2.58 -14.54
N ALA B 277 2.38 2.63 -13.90
CA ALA B 277 2.32 3.08 -12.52
C ALA B 277 2.81 2.01 -11.54
N LYS B 278 2.34 0.76 -11.72
CA LYS B 278 2.84 -0.36 -10.93
C LYS B 278 4.37 -0.53 -11.08
N ARG B 279 4.87 -0.55 -12.31
CA ARG B 279 6.31 -0.68 -12.55
C ARG B 279 7.09 0.45 -11.87
N LEU B 280 6.63 1.68 -12.03
CA LEU B 280 7.31 2.81 -11.41
C LEU B 280 7.21 2.80 -9.87
N SER B 281 6.07 2.38 -9.33
CA SER B 281 5.96 2.34 -7.86
C SER B 281 6.87 1.26 -7.26
N VAL B 282 6.87 0.07 -7.88
CA VAL B 282 7.78 -1.00 -7.48
C VAL B 282 9.24 -0.54 -7.58
N LEU B 283 9.56 0.17 -8.65
CA LEU B 283 10.92 0.66 -8.80
C LEU B 283 11.23 1.81 -7.83
N ARG B 284 10.21 2.62 -7.52
CA ARG B 284 10.41 3.69 -6.55
C ARG B 284 10.61 3.11 -5.14
N LYS B 285 9.76 2.16 -4.74
CA LYS B 285 9.91 1.52 -3.45
C LYS B 285 11.28 0.88 -3.28
N PHE B 286 11.75 0.24 -4.34
CA PHE B 286 13.04 -0.44 -4.28
C PHE B 286 14.19 0.56 -4.20
N LYS B 287 14.21 1.53 -5.11
CA LYS B 287 15.22 2.59 -5.08
C LYS B 287 15.28 3.35 -3.75
N GLU B 288 14.11 3.51 -3.11
CA GLU B 288 14.02 4.25 -1.86
C GLU B 288 14.12 3.37 -0.62
N GLY B 289 14.14 2.05 -0.83
CA GLY B 289 14.26 1.10 0.27
C GLY B 289 12.97 0.80 1.03
N ALA B 290 11.82 1.03 0.39
CA ALA B 290 10.55 0.76 1.04
C ALA B 290 10.31 -0.74 1.07
N ILE B 291 11.05 -1.45 0.22
CA ILE B 291 11.06 -2.90 0.22
C ILE B 291 12.51 -3.35 0.26
N GLU B 292 12.74 -4.54 0.79
CA GLU B 292 14.11 -5.05 0.91
C GLU B 292 14.53 -5.86 -0.32
N ILE B 293 13.56 -6.56 -0.91
CA ILE B 293 13.86 -7.48 -1.99
C ILE B 293 13.03 -7.14 -3.24
N LEU B 294 13.72 -6.89 -4.35
CA LEU B 294 13.05 -6.86 -5.65
C LEU B 294 13.12 -8.28 -6.24
N VAL B 295 11.98 -8.88 -6.56
CA VAL B 295 11.94 -10.16 -7.29
C VAL B 295 11.66 -9.82 -8.75
N ALA B 296 12.45 -10.38 -9.67
CA ALA B 296 12.46 -9.89 -11.04
C ALA B 296 12.67 -11.00 -12.08
N THR B 297 12.02 -10.86 -13.23
CA THR B 297 12.45 -11.59 -14.41
C THR B 297 13.65 -10.85 -14.99
N ASP B 298 14.14 -11.30 -16.13
CA ASP B 298 15.31 -10.60 -16.69
C ASP B 298 15.02 -9.18 -17.22
N VAL B 299 13.77 -8.73 -17.15
CA VAL B 299 13.48 -7.35 -17.57
C VAL B 299 14.27 -6.35 -16.72
N ALA B 300 14.65 -6.75 -15.51
CA ALA B 300 15.38 -5.83 -14.65
C ALA B 300 16.88 -6.12 -14.64
N ALA B 301 17.34 -6.95 -15.57
CA ALA B 301 18.77 -7.29 -15.62
C ALA B 301 19.65 -6.15 -16.17
N ARG B 302 19.14 -5.40 -17.15
CA ARG B 302 19.87 -4.23 -17.69
C ARG B 302 19.03 -2.95 -17.65
N GLY B 303 19.71 -1.80 -17.56
CA GLY B 303 19.07 -0.50 -17.63
C GLY B 303 18.10 -0.26 -16.48
N LEU B 304 18.39 -0.88 -15.34
CA LEU B 304 17.53 -0.74 -14.17
C LEU B 304 17.76 0.65 -13.53
N ASP B 305 19.03 1.08 -13.50
CA ASP B 305 19.41 2.39 -13.00
C ASP B 305 19.00 2.55 -11.55
N ILE B 306 19.29 1.52 -10.75
CA ILE B 306 19.05 1.60 -9.32
C ILE B 306 20.31 1.23 -8.56
N SER B 307 20.69 2.11 -7.64
CA SER B 307 21.94 2.06 -6.89
C SER B 307 21.76 1.42 -5.51
N GLY B 308 22.78 0.74 -5.01
CA GLY B 308 22.78 0.30 -3.63
C GLY B 308 22.34 -1.13 -3.43
N VAL B 309 22.26 -1.87 -4.54
CA VAL B 309 22.01 -3.30 -4.49
C VAL B 309 23.25 -4.04 -3.98
N THR B 310 23.13 -4.65 -2.80
CA THR B 310 24.25 -5.38 -2.19
C THR B 310 24.23 -6.88 -2.47
N HIS B 311 23.07 -7.41 -2.84
CA HIS B 311 22.93 -8.87 -2.97
C HIS B 311 22.12 -9.25 -4.20
N VAL B 312 22.61 -10.22 -4.95
CA VAL B 312 21.80 -10.78 -6.05
C VAL B 312 21.65 -12.29 -5.85
N TYR B 313 20.40 -12.76 -5.87
CA TYR B 313 20.13 -14.18 -5.79
C TYR B 313 19.57 -14.71 -7.12
N ASN B 314 20.28 -15.62 -7.76
CA ASN B 314 19.72 -16.34 -8.89
C ASN B 314 18.89 -17.52 -8.37
N PHE B 315 17.59 -17.28 -8.18
CA PHE B 315 16.70 -18.34 -7.72
C PHE B 315 16.64 -19.41 -8.78
N ASP B 316 16.64 -18.98 -10.04
CA ASP B 316 16.68 -19.88 -11.17
C ASP B 316 17.94 -19.57 -11.94
N ILE B 317 18.73 -20.61 -12.22
CA ILE B 317 20.01 -20.37 -12.88
C ILE B 317 19.74 -19.81 -14.26
N PRO B 318 20.47 -18.77 -14.66
CA PRO B 318 20.29 -18.29 -16.04
C PRO B 318 21.01 -19.24 -17.01
N GLN B 319 20.34 -19.61 -18.08
CA GLN B 319 20.79 -20.70 -18.94
C GLN B 319 22.06 -20.37 -19.74
N ASP B 320 22.28 -19.10 -20.07
CA ASP B 320 23.47 -18.70 -20.82
C ASP B 320 24.31 -17.70 -20.02
N PRO B 321 25.63 -17.70 -20.24
CA PRO B 321 26.58 -16.87 -19.47
C PRO B 321 26.38 -15.36 -19.62
N GLU B 322 25.96 -14.89 -20.79
CA GLU B 322 25.76 -13.46 -20.93
C GLU B 322 24.61 -12.96 -20.01
N SER B 323 23.54 -13.72 -19.93
CA SER B 323 22.43 -13.32 -19.06
C SER B 323 22.89 -13.29 -17.60
N TYR B 324 23.74 -14.26 -17.24
CA TYR B 324 24.24 -14.37 -15.88
C TYR B 324 25.03 -13.13 -15.53
N VAL B 325 25.94 -12.75 -16.41
CA VAL B 325 26.83 -11.63 -16.17
C VAL B 325 26.06 -10.34 -15.91
N HIS B 326 25.01 -10.10 -16.67
CA HIS B 326 24.24 -8.88 -16.48
C HIS B 326 23.33 -8.94 -15.24
N ARG B 327 22.92 -10.14 -14.83
CA ARG B 327 22.15 -10.27 -13.60
C ARG B 327 22.98 -9.91 -12.39
N ILE B 328 24.20 -10.46 -12.31
CA ILE B 328 25.01 -10.22 -11.11
C ILE B 328 25.63 -8.81 -11.11
N GLY B 329 25.89 -8.27 -12.30
CA GLY B 329 26.39 -6.90 -12.41
C GLY B 329 25.43 -5.86 -11.86
N ARG B 330 24.25 -6.30 -11.41
CA ARG B 330 23.31 -5.37 -10.76
C ARG B 330 23.88 -4.96 -9.40
N THR B 331 24.76 -5.77 -8.84
CA THR B 331 25.45 -5.40 -7.61
C THR B 331 26.90 -5.06 -7.93
N GLY B 332 27.66 -4.65 -6.91
CA GLY B 332 29.07 -4.34 -7.10
C GLY B 332 29.31 -3.08 -7.91
N ARG B 333 28.46 -2.08 -7.73
CA ARG B 333 28.61 -0.82 -8.46
C ARG B 333 29.21 0.29 -7.61
N GLY B 338 29.98 -6.39 -3.31
CA GLY B 338 28.76 -7.05 -3.73
C GLY B 338 28.79 -8.56 -3.60
N VAL B 339 27.61 -9.16 -3.39
CA VAL B 339 27.47 -10.61 -3.26
C VAL B 339 26.43 -11.21 -4.22
N ALA B 340 26.82 -12.27 -4.92
CA ALA B 340 25.93 -12.96 -5.86
C ALA B 340 25.82 -14.44 -5.52
N MET B 341 24.58 -14.94 -5.46
CA MET B 341 24.34 -16.34 -5.16
C MET B 341 23.40 -16.98 -6.17
N THR B 342 23.86 -18.08 -6.75
CA THR B 342 23.11 -18.77 -7.76
C THR B 342 22.71 -20.14 -7.25
N PHE B 343 21.41 -20.43 -7.28
CA PHE B 343 20.89 -21.75 -6.90
C PHE B 343 21.02 -22.68 -8.11
N VAL B 344 21.61 -23.83 -7.88
CA VAL B 344 21.90 -24.80 -8.94
C VAL B 344 21.34 -26.15 -8.57
N THR B 345 20.34 -26.62 -9.29
CA THR B 345 19.84 -27.96 -9.03
C THR B 345 20.88 -28.99 -9.52
N PRO B 346 20.84 -30.22 -8.98
CA PRO B 346 21.90 -31.16 -9.39
C PRO B 346 21.99 -31.38 -10.89
N ARG B 347 20.85 -31.34 -11.59
CA ARG B 347 20.84 -31.48 -13.04
C ARG B 347 21.31 -30.22 -13.79
N GLU B 348 21.67 -29.17 -13.05
CA GLU B 348 22.08 -27.90 -13.65
C GLU B 348 23.56 -27.68 -13.41
N ILE B 349 24.16 -28.64 -12.72
CA ILE B 349 25.54 -28.49 -12.29
C ILE B 349 26.52 -28.26 -13.47
N GLY B 350 26.27 -28.90 -14.60
CA GLY B 350 27.09 -28.70 -15.79
C GLY B 350 27.05 -27.26 -16.28
N GLN B 351 25.83 -26.71 -16.40
CA GLN B 351 25.62 -25.32 -16.82
C GLN B 351 26.35 -24.34 -15.94
N LEU B 352 26.32 -24.59 -14.63
CA LEU B 352 27.08 -23.80 -13.67
C LEU B 352 28.56 -23.75 -14.02
N HIS B 353 29.13 -24.89 -14.41
CA HIS B 353 30.56 -24.92 -14.73
C HIS B 353 30.83 -24.25 -16.09
N HIS B 354 29.95 -24.50 -17.06
CA HIS B 354 30.02 -23.76 -18.33
C HIS B 354 30.06 -22.25 -18.11
N ILE B 355 29.22 -21.76 -17.19
CA ILE B 355 29.24 -20.34 -16.85
C ILE B 355 30.61 -19.92 -16.30
N GLU B 356 31.15 -20.70 -15.37
CA GLU B 356 32.49 -20.43 -14.83
C GLU B 356 33.60 -20.35 -15.90
N ARG B 357 33.63 -21.31 -16.82
CA ARG B 357 34.65 -21.31 -17.87
C ARG B 357 34.50 -20.12 -18.79
N THR B 358 33.26 -19.71 -19.04
CA THR B 358 33.01 -18.62 -19.97
C THR B 358 33.42 -17.29 -19.36
N THR B 359 33.12 -17.11 -18.07
CA THR B 359 33.49 -15.90 -17.33
C THR B 359 34.91 -15.99 -16.76
N LYS B 360 35.49 -17.19 -16.79
CA LYS B 360 36.84 -17.45 -16.24
C LYS B 360 36.98 -17.09 -14.75
N ARG B 361 35.88 -17.15 -14.01
CA ARG B 361 35.91 -16.99 -12.57
C ARG B 361 35.15 -18.13 -11.94
N LYS B 362 35.84 -18.93 -11.12
CA LYS B 362 35.18 -20.01 -10.38
C LYS B 362 34.37 -19.42 -9.24
N MET B 363 33.21 -20.01 -8.98
CA MET B 363 32.39 -19.55 -7.88
C MET B 363 32.65 -20.41 -6.66
N GLU B 364 32.58 -19.80 -5.49
CA GLU B 364 32.77 -20.56 -4.26
C GLU B 364 31.48 -21.30 -3.94
N ARG B 365 31.60 -22.54 -3.48
CA ARG B 365 30.42 -23.32 -3.16
C ARG B 365 30.01 -23.10 -1.69
N MET B 366 28.83 -22.50 -1.48
CA MET B 366 28.36 -22.20 -0.14
C MET B 366 27.41 -23.32 0.27
N LYS B 367 27.52 -23.79 1.51
CA LYS B 367 26.62 -24.85 1.94
C LYS B 367 25.25 -24.25 2.25
N PRO B 368 24.18 -24.93 1.83
CA PRO B 368 22.85 -24.38 2.12
C PRO B 368 22.62 -24.32 3.64
N PRO B 369 22.16 -23.19 4.15
CA PRO B 369 22.00 -23.14 5.61
C PRO B 369 20.87 -24.05 6.10
N THR B 370 20.96 -24.46 7.36
CA THR B 370 19.92 -25.27 7.97
C THR B 370 18.93 -24.34 8.67
N LEU B 371 17.80 -24.87 9.10
CA LEU B 371 16.88 -24.09 9.94
C LEU B 371 17.61 -23.41 11.13
N ASP B 372 18.42 -24.17 11.85
CA ASP B 372 19.09 -23.63 13.03
C ASP B 372 20.11 -22.54 12.69
N GLU B 373 20.86 -22.73 11.61
CA GLU B 373 21.83 -21.73 11.19
C GLU B 373 21.11 -20.41 10.83
N ALA B 374 19.91 -20.52 10.27
CA ALA B 374 19.10 -19.33 10.00
C ALA B 374 18.70 -18.61 11.30
N LEU B 375 18.27 -19.39 12.29
CA LEU B 375 17.96 -18.84 13.62
C LEU B 375 19.18 -18.16 14.25
N GLU B 376 20.31 -18.86 14.29
CA GLU B 376 21.53 -18.28 14.87
C GLU B 376 21.93 -16.99 14.16
N GLY B 377 21.66 -16.89 12.85
CA GLY B 377 21.98 -15.68 12.12
C GLY B 377 21.13 -14.51 12.60
N GLN B 378 19.84 -14.77 12.75
CA GLN B 378 18.94 -13.79 13.35
C GLN B 378 19.44 -13.37 14.74
N GLN B 379 19.79 -14.37 15.54
CA GLN B 379 20.34 -14.13 16.88
C GLN B 379 21.54 -13.22 16.81
N ARG B 380 22.47 -13.58 15.92
CA ARG B 380 23.71 -12.82 15.78
C ARG B 380 23.41 -11.34 15.46
N ILE B 381 22.43 -11.11 14.60
CA ILE B 381 22.08 -9.73 14.22
C ILE B 381 21.50 -8.93 15.39
N ALA B 382 20.57 -9.53 16.14
CA ALA B 382 19.98 -8.85 17.30
C ALA B 382 21.06 -8.50 18.32
N ILE B 383 21.99 -9.43 18.53
CA ILE B 383 23.13 -9.23 19.41
C ILE B 383 24.02 -8.06 18.98
N GLU B 384 24.30 -7.96 17.67
CA GLU B 384 25.14 -6.88 17.17
C GLU B 384 24.48 -5.51 17.33
N LYS B 385 23.16 -5.46 17.18
CA LYS B 385 22.41 -4.24 17.46
C LYS B 385 22.51 -3.90 18.95
N LEU B 386 22.27 -4.90 19.79
CA LEU B 386 22.36 -4.74 21.24
C LEU B 386 23.75 -4.25 21.65
N LEU B 387 24.78 -4.89 21.08
CA LEU B 387 26.15 -4.55 21.40
C LEU B 387 26.50 -3.15 20.90
N ASN B 388 25.87 -2.74 19.80
CA ASN B 388 26.09 -1.40 19.31
C ASN B 388 25.53 -0.34 20.26
N VAL B 389 24.32 -0.59 20.76
CA VAL B 389 23.74 0.25 21.80
C VAL B 389 24.69 0.38 23.00
N VAL B 390 25.12 -0.77 23.56
CA VAL B 390 26.03 -0.80 24.70
C VAL B 390 27.24 0.12 24.50
N GLU B 391 27.79 0.08 23.29
CA GLU B 391 29.00 0.80 22.94
C GLU B 391 28.78 2.28 22.62
N THR B 392 27.61 2.64 22.11
CA THR B 392 27.37 4.01 21.64
C THR B 392 26.48 4.88 22.54
N GLU B 393 25.63 4.25 23.35
CA GLU B 393 24.59 5.02 24.04
C GLU B 393 24.75 5.12 25.56
N ASN B 394 24.24 6.21 26.12
CA ASN B 394 24.17 6.40 27.57
C ASN B 394 22.98 5.59 28.05
N LEU B 395 23.18 4.74 29.04
CA LEU B 395 22.11 3.87 29.52
C LEU B 395 21.80 4.14 30.98
N SER B 396 22.22 5.30 31.47
CA SER B 396 21.95 5.70 32.86
C SER B 396 20.47 5.51 33.22
N PHE B 397 19.60 6.05 32.38
CA PHE B 397 18.17 5.96 32.62
C PHE B 397 17.65 4.55 32.92
N TYR B 398 18.30 3.53 32.37
CA TYR B 398 17.79 2.16 32.48
C TYR B 398 18.50 1.31 33.52
N LYS B 399 19.57 1.84 34.11
CA LYS B 399 20.42 1.04 35.02
C LYS B 399 19.67 0.48 36.25
N ARG B 400 18.95 1.34 36.96
CA ARG B 400 18.21 0.92 38.14
C ARG B 400 17.15 -0.13 37.82
N ALA B 401 16.39 0.10 36.74
CA ALA B 401 15.37 -0.85 36.32
C ALA B 401 16.00 -2.20 35.97
N ALA B 402 17.26 -2.15 35.52
CA ALA B 402 17.99 -3.37 35.19
C ALA B 402 18.43 -4.11 36.46
N GLU B 403 18.84 -3.34 37.46
CA GLU B 403 19.29 -3.89 38.75
C GLU B 403 18.18 -4.59 39.54
N GLU B 404 16.97 -4.05 39.50
CA GLU B 404 15.83 -4.68 40.18
C GLU B 404 15.35 -5.88 39.37
N LEU B 405 15.57 -5.83 38.05
CA LEU B 405 15.21 -6.94 37.18
C LEU B 405 16.12 -8.11 37.52
N LEU B 406 17.40 -7.80 37.71
CA LEU B 406 18.38 -8.79 38.10
C LEU B 406 18.21 -9.15 39.58
N GLU B 407 16.96 -9.44 39.95
CA GLU B 407 16.58 -9.89 41.29
C GLU B 407 15.54 -10.98 41.15
N GLU B 408 14.55 -10.75 40.28
CA GLU B 408 13.53 -11.74 39.96
C GLU B 408 14.04 -12.78 38.98
N ASP B 410 18.02 -14.66 37.63
CA ASP B 410 19.47 -14.60 37.46
C ASP B 410 19.86 -13.91 36.15
N SER B 411 21.10 -13.41 36.09
CA SER B 411 21.63 -12.72 34.91
C SER B 411 21.28 -13.41 33.59
N VAL B 412 21.58 -14.70 33.51
CA VAL B 412 21.35 -15.46 32.28
C VAL B 412 19.88 -15.49 31.87
N THR B 413 19.00 -15.68 32.85
CA THR B 413 17.56 -15.79 32.62
C THR B 413 16.96 -14.51 32.02
N ILE B 414 17.30 -13.37 32.62
CA ILE B 414 16.87 -12.06 32.16
C ILE B 414 17.27 -11.78 30.70
N VAL B 415 18.57 -11.81 30.42
CA VAL B 415 19.05 -11.60 29.06
C VAL B 415 18.33 -12.50 28.04
N ALA B 416 18.15 -13.77 28.41
CA ALA B 416 17.53 -14.75 27.52
C ALA B 416 16.10 -14.37 27.20
N ALA B 417 15.40 -13.84 28.19
CA ALA B 417 14.05 -13.35 27.97
C ALA B 417 14.08 -12.10 27.08
N CYS B 418 15.01 -11.20 27.37
CA CYS B 418 15.21 -10.00 26.57
C CYS B 418 15.50 -10.37 25.13
N LEU B 419 16.42 -11.31 24.94
CA LEU B 419 16.73 -11.79 23.60
C LEU B 419 15.49 -12.37 22.90
N LYS B 420 14.68 -13.12 23.65
CA LYS B 420 13.44 -13.68 23.13
C LYS B 420 12.52 -12.61 22.51
N MET B 421 12.39 -11.47 23.18
CA MET B 421 11.53 -10.41 22.67
C MET B 421 12.21 -9.48 21.68
N LEU B 422 13.54 -9.41 21.72
CA LEU B 422 14.27 -8.63 20.72
C LEU B 422 14.16 -9.26 19.33
N GLU B 423 13.74 -10.52 19.30
CA GLU B 423 13.54 -11.26 18.05
C GLU B 423 12.06 -11.60 17.90
N HIS B 424 11.23 -10.56 17.88
CA HIS B 424 9.78 -10.71 17.78
C HIS B 424 9.20 -11.72 18.78
#